data_4WVA
#
_entry.id   4WVA
#
_cell.length_a   92.010
_cell.length_b   92.010
_cell.length_c   267.235
_cell.angle_alpha   90.00
_cell.angle_beta   90.00
_cell.angle_gamma   120.00
#
_symmetry.space_group_name_H-M   'H 3'
#
loop_
_entity.id
_entity.type
_entity.pdbx_description
1 polymer 'Uncharacterized protein'
2 non-polymer 'CHLORIDE ION'
3 non-polymer 2-AMINO-2-HYDROXYMETHYL-PROPANE-1,3-DIOL
4 non-polymer (4S)-2-METHYL-2,4-PENTANEDIOL
5 water water
#
_entity_poly.entity_id   1
_entity_poly.type   'polypeptide(L)'
_entity_poly.pdbx_seq_one_letter_code
;MAPLRTKAVEVLQRNSRGAFTVPAHGLYPYQWLWDSAFIALGWTQVDWERAWQELLCLFDYGQGPDGMLPHIVFHEQSRD
YFPGPDVWGREARAQPATSGITQPPVVATVVRYLYEKDPDRDRARERARYLFPKLLAFHRWLYHARDPYRTGLVVIVHPW
ESGMDNSPAWDKPLSRVPVENLPPYERRDVKHVNPEERPRKEDYDRYLSLLYLFRRLEYDPREIYRQSPFKVVDVGFNAI
LQRANRDLYALAVLLQEDPYEIEEWIVRGEVGLEALWDREAGFYFSWDLVAGEPIAVKTSAGFLPLFAGTPHQGRASLLA
QEAERWGEKARYLLPSVDPTSPFFEPGRYWRGPVWINVNWMVAEGFRDYGFAALAARLKADALALMEREGFREYYDPLTG
QGRGGEGFSWSAALALFWTR
;
_entity_poly.pdbx_strand_id   A,B
#
# COMPACT_ATOMS: atom_id res chain seq x y z
N PRO A 3 10.64 -31.51 -32.50
CA PRO A 3 11.19 -31.92 -31.22
C PRO A 3 10.58 -31.16 -30.05
N LEU A 4 10.73 -31.73 -28.86
CA LEU A 4 10.07 -31.21 -27.67
C LEU A 4 10.25 -29.71 -27.43
N ARG A 5 11.49 -29.23 -27.49
CA ARG A 5 11.76 -27.83 -27.10
C ARG A 5 11.19 -26.87 -28.14
N THR A 6 11.30 -27.26 -29.40
CA THR A 6 10.76 -26.44 -30.49
C THR A 6 9.25 -26.31 -30.38
N LYS A 7 8.59 -27.43 -30.14
CA LYS A 7 7.15 -27.44 -29.96
C LYS A 7 6.73 -26.67 -28.70
N ALA A 8 7.52 -26.74 -27.64
CA ALA A 8 7.21 -25.99 -26.40
C ALA A 8 7.26 -24.49 -26.62
N VAL A 9 8.26 -24.01 -27.36
CA VAL A 9 8.37 -22.61 -27.68
C VAL A 9 7.15 -22.15 -28.49
N GLU A 10 6.70 -22.98 -29.44
CA GLU A 10 5.51 -22.67 -30.22
C GLU A 10 4.29 -22.46 -29.32
N VAL A 11 4.12 -23.32 -28.33
CA VAL A 11 2.99 -23.19 -27.39
C VAL A 11 3.06 -21.88 -26.63
N LEU A 12 4.24 -21.54 -26.10
CA LEU A 12 4.37 -20.30 -25.33
C LEU A 12 4.11 -19.08 -26.20
N GLN A 13 4.69 -19.09 -27.40
CA GLN A 13 4.46 -17.96 -28.32
C GLN A 13 3.00 -17.84 -28.78
N ARG A 14 2.33 -18.96 -29.01
CA ARG A 14 0.90 -18.97 -29.34
C ARG A 14 0.05 -18.43 -28.20
N ASN A 15 0.42 -18.77 -26.95
CA ASN A 15 -0.35 -18.34 -25.80
C ASN A 15 0.06 -16.97 -25.26
N SER A 16 1.11 -16.39 -25.82
CA SER A 16 1.56 -15.06 -25.39
C SER A 16 0.57 -14.02 -25.83
N ARG A 17 0.31 -13.05 -24.94
CA ARG A 17 -0.45 -11.85 -25.30
C ARG A 17 0.44 -10.61 -25.16
N GLY A 18 1.74 -10.80 -25.37
CA GLY A 18 2.72 -9.74 -25.23
C GLY A 18 3.38 -9.74 -23.87
N ALA A 19 2.65 -9.21 -22.89
CA ALA A 19 3.18 -9.02 -21.54
C ALA A 19 2.84 -10.17 -20.61
N PHE A 20 1.93 -11.05 -21.00
CA PHE A 20 1.56 -12.20 -20.18
C PHE A 20 1.18 -13.34 -21.10
N THR A 21 1.09 -14.53 -20.52
CA THR A 21 0.82 -15.74 -21.24
C THR A 21 -0.45 -16.36 -20.68
N VAL A 22 -1.43 -16.64 -21.53
CA VAL A 22 -2.59 -17.40 -21.05
C VAL A 22 -2.21 -18.83 -20.72
N PRO A 23 -2.80 -19.39 -19.66
CA PRO A 23 -2.49 -20.80 -19.40
C PRO A 23 -2.91 -21.75 -20.50
N ALA A 24 -4.01 -21.44 -21.18
CA ALA A 24 -4.44 -22.21 -22.34
C ALA A 24 -5.44 -21.39 -23.12
N HIS A 25 -5.33 -21.39 -24.45
CA HIS A 25 -6.28 -20.69 -25.32
C HIS A 25 -7.72 -21.07 -24.99
N GLY A 26 -8.59 -20.07 -24.88
CA GLY A 26 -10.02 -20.31 -24.70
C GLY A 26 -10.39 -20.64 -23.26
N LEU A 27 -9.83 -21.75 -22.76
CA LEU A 27 -10.13 -22.28 -21.43
C LEU A 27 -9.76 -21.32 -20.30
N TYR A 28 -8.56 -20.75 -20.42
CA TYR A 28 -8.02 -19.85 -19.42
C TYR A 28 -7.50 -18.57 -20.08
N PRO A 29 -8.43 -17.69 -20.51
CA PRO A 29 -8.08 -16.59 -21.41
C PRO A 29 -7.66 -15.30 -20.70
N TYR A 30 -6.94 -15.45 -19.59
CA TYR A 30 -6.53 -14.32 -18.77
C TYR A 30 -5.18 -14.68 -18.18
N GLN A 31 -4.68 -13.85 -17.28
CA GLN A 31 -3.43 -14.14 -16.56
C GLN A 31 -3.71 -14.75 -15.18
N TRP A 32 -3.09 -15.91 -14.92
CA TRP A 32 -3.19 -16.57 -13.62
C TRP A 32 -1.86 -16.44 -12.85
N LEU A 33 -1.96 -16.35 -11.53
CA LEU A 33 -0.83 -16.07 -10.64
C LEU A 33 0.21 -17.19 -10.67
N TRP A 34 -0.09 -18.38 -10.18
CA TRP A 34 1.00 -19.37 -10.11
C TRP A 34 1.40 -19.85 -11.50
N ASP A 35 0.48 -19.84 -12.46
CA ASP A 35 0.82 -20.19 -13.82
C ASP A 35 1.89 -19.26 -14.34
N SER A 36 1.72 -17.95 -14.16
CA SER A 36 2.68 -17.00 -14.73
C SER A 36 4.05 -17.23 -14.14
N ALA A 37 4.12 -17.64 -12.87
CA ALA A 37 5.39 -17.84 -12.22
C ALA A 37 6.11 -19.00 -12.89
N PHE A 38 5.42 -20.13 -13.08
CA PHE A 38 6.06 -21.28 -13.76
C PHE A 38 6.40 -20.93 -15.20
N ILE A 39 5.49 -20.23 -15.88
CA ILE A 39 5.68 -19.88 -17.28
C ILE A 39 6.92 -19.02 -17.49
N ALA A 40 7.16 -18.06 -16.59
CA ALA A 40 8.37 -17.24 -16.65
C ALA A 40 9.66 -18.06 -16.72
N LEU A 41 9.71 -19.19 -16.02
CA LEU A 41 10.87 -20.09 -16.12
C LEU A 41 11.07 -20.61 -17.53
N GLY A 42 9.97 -20.90 -18.22
CA GLY A 42 10.04 -21.31 -19.62
C GLY A 42 10.59 -20.22 -20.51
N TRP A 43 10.13 -18.98 -20.29
CA TRP A 43 10.59 -17.85 -21.11
C TRP A 43 12.10 -17.60 -21.01
N THR A 44 12.73 -18.03 -19.91
CA THR A 44 14.20 -17.87 -19.77
C THR A 44 14.94 -18.60 -20.90
N GLN A 45 14.27 -19.56 -21.54
CA GLN A 45 14.86 -20.34 -22.63
C GLN A 45 14.66 -19.67 -23.98
N VAL A 46 13.97 -18.52 -24.00
CA VAL A 46 13.63 -17.80 -25.21
C VAL A 46 14.16 -16.38 -25.16
N ASP A 47 13.84 -15.68 -24.07
CA ASP A 47 14.21 -14.28 -23.94
CA ASP A 47 14.22 -14.28 -23.93
C ASP A 47 14.06 -13.87 -22.48
N TRP A 48 15.17 -13.47 -21.86
CA TRP A 48 15.15 -13.10 -20.42
C TRP A 48 14.24 -11.92 -20.13
N GLU A 49 14.24 -10.92 -21.00
CA GLU A 49 13.34 -9.79 -20.79
C GLU A 49 11.88 -10.25 -20.72
N ARG A 50 11.53 -11.17 -21.60
CA ARG A 50 10.17 -11.70 -21.68
C ARG A 50 9.78 -12.43 -20.39
N ALA A 51 10.74 -13.13 -19.77
CA ALA A 51 10.51 -13.81 -18.49
C ALA A 51 10.19 -12.80 -17.40
N TRP A 52 10.97 -11.72 -17.33
CA TRP A 52 10.69 -10.67 -16.35
C TRP A 52 9.34 -10.03 -16.62
N GLN A 53 9.04 -9.78 -17.89
CA GLN A 53 7.82 -9.06 -18.24
C GLN A 53 6.58 -9.77 -17.74
N GLU A 54 6.58 -11.11 -17.82
CA GLU A 54 5.49 -11.92 -17.30
C GLU A 54 5.14 -11.51 -15.87
N LEU A 55 6.17 -11.34 -15.03
CA LEU A 55 5.92 -11.07 -13.62
C LEU A 55 5.68 -9.59 -13.37
N LEU A 56 6.32 -8.72 -14.12
CA LEU A 56 6.01 -7.29 -14.01
C LEU A 56 4.53 -7.08 -14.27
N CYS A 57 4.04 -7.74 -15.30
CA CYS A 57 2.64 -7.58 -15.70
C CYS A 57 1.70 -8.06 -14.59
N LEU A 58 1.99 -9.25 -14.04
CA LEU A 58 1.21 -9.79 -12.93
C LEU A 58 1.06 -8.77 -11.77
N PHE A 59 2.18 -8.18 -11.35
CA PHE A 59 2.13 -7.23 -10.23
C PHE A 59 1.53 -5.89 -10.63
N ASP A 60 1.97 -5.38 -11.77
CA ASP A 60 1.53 -4.03 -12.21
C ASP A 60 0.03 -3.94 -12.42
N TYR A 61 -0.56 -4.97 -13.00
CA TYR A 61 -2.01 -4.98 -13.27
C TYR A 61 -2.84 -5.77 -12.28
N GLY A 62 -2.20 -6.61 -11.47
CA GLY A 62 -2.92 -7.44 -10.50
C GLY A 62 -2.91 -6.96 -9.07
N GLN A 63 -1.79 -6.43 -8.59
CA GLN A 63 -1.65 -6.24 -7.14
C GLN A 63 -2.55 -5.12 -6.66
N GLY A 64 -3.33 -5.45 -5.64
CA GLY A 64 -4.25 -4.49 -5.01
C GLY A 64 -3.55 -3.55 -4.07
N PRO A 65 -4.27 -2.52 -3.62
CA PRO A 65 -3.66 -1.51 -2.79
C PRO A 65 -3.16 -1.98 -1.43
N ASP A 66 -3.73 -3.07 -0.93
CA ASP A 66 -3.29 -3.63 0.35
C ASP A 66 -2.20 -4.70 0.20
N GLY A 67 -1.70 -4.90 -1.02
CA GLY A 67 -0.63 -5.86 -1.29
C GLY A 67 -1.13 -7.20 -1.81
N MET A 68 -2.44 -7.45 -1.76
CA MET A 68 -2.95 -8.73 -2.21
C MET A 68 -2.66 -8.94 -3.68
N LEU A 69 -2.13 -10.11 -4.03
CA LEU A 69 -1.96 -10.51 -5.42
C LEU A 69 -3.06 -11.52 -5.73
N PRO A 70 -3.95 -11.19 -6.68
CA PRO A 70 -5.11 -12.03 -6.97
C PRO A 70 -4.75 -13.19 -7.89
N HIS A 71 -5.54 -14.27 -7.88
CA HIS A 71 -5.19 -15.42 -8.72
C HIS A 71 -5.47 -15.21 -10.20
N ILE A 72 -6.37 -14.28 -10.54
CA ILE A 72 -6.62 -13.94 -11.93
C ILE A 72 -6.61 -12.43 -12.14
N VAL A 73 -5.91 -11.99 -13.18
CA VAL A 73 -6.00 -10.63 -13.72
C VAL A 73 -6.79 -10.72 -15.02
N PHE A 74 -7.96 -10.09 -15.03
CA PHE A 74 -8.90 -10.21 -16.16
C PHE A 74 -8.57 -9.19 -17.28
N HIS A 75 -7.37 -9.32 -17.84
CA HIS A 75 -6.99 -8.50 -18.99
C HIS A 75 -8.02 -8.60 -20.12
N GLU A 76 -8.35 -7.44 -20.70
CA GLU A 76 -9.21 -7.38 -21.89
C GLU A 76 -8.43 -7.91 -23.10
N GLN A 77 -9.14 -8.59 -24.01
CA GLN A 77 -8.55 -9.14 -25.24
C GLN A 77 -7.95 -8.03 -26.09
N SER A 78 -6.75 -8.27 -26.58
CA SER A 78 -6.07 -7.33 -27.47
C SER A 78 -5.70 -8.05 -28.76
N ARG A 79 -5.52 -7.27 -29.83
CA ARG A 79 -5.00 -7.83 -31.06
C ARG A 79 -3.55 -8.24 -30.87
N ASP A 80 -3.15 -9.33 -31.49
CA ASP A 80 -1.77 -9.81 -31.41
C ASP A 80 -0.92 -9.08 -32.45
N TYR A 81 -0.90 -7.77 -32.32
CA TYR A 81 -0.09 -6.88 -33.15
C TYR A 81 0.55 -5.74 -32.32
N PHE A 82 1.82 -5.47 -32.59
CA PHE A 82 2.54 -4.38 -31.94
C PHE A 82 3.44 -3.72 -32.97
N PRO A 83 3.53 -2.38 -32.99
CA PRO A 83 2.87 -1.38 -32.14
C PRO A 83 1.49 -0.97 -32.66
N GLY A 84 0.47 -1.12 -31.81
CA GLY A 84 -0.90 -0.80 -32.19
C GLY A 84 -1.32 0.62 -31.86
N PRO A 85 -2.64 0.88 -31.89
CA PRO A 85 -3.10 2.26 -31.75
C PRO A 85 -2.71 2.91 -30.42
N ASP A 86 -2.54 2.09 -29.38
CA ASP A 86 -2.24 2.60 -28.05
C ASP A 86 -0.80 3.09 -27.93
N VAL A 87 0.05 2.70 -28.89
CA VAL A 87 1.44 3.13 -28.92
C VAL A 87 1.59 4.38 -29.80
N TRP A 88 1.00 4.35 -30.99
CA TRP A 88 1.01 5.56 -31.83
C TRP A 88 0.25 6.69 -31.15
N GLY A 89 -0.82 6.33 -30.45
CA GLY A 89 -1.66 7.30 -29.76
C GLY A 89 -1.24 7.46 -28.31
N GLN A 95 -6.68 -0.51 -16.64
CA GLN A 95 -6.88 -1.04 -15.30
C GLN A 95 -7.86 -2.21 -15.30
N PRO A 96 -7.38 -3.43 -15.60
CA PRO A 96 -8.30 -4.55 -15.65
C PRO A 96 -8.82 -4.93 -14.27
N ALA A 97 -10.00 -5.56 -14.26
CA ALA A 97 -10.53 -6.18 -13.05
C ALA A 97 -9.67 -7.38 -12.68
N THR A 98 -9.81 -7.83 -11.43
CA THR A 98 -9.12 -9.03 -10.94
C THR A 98 -10.07 -9.87 -10.10
N SER A 99 -9.65 -11.09 -9.75
CA SER A 99 -10.38 -11.92 -8.80
C SER A 99 -10.16 -11.35 -7.40
N GLY A 100 -10.82 -11.92 -6.42
CA GLY A 100 -10.76 -11.46 -5.04
C GLY A 100 -10.21 -12.51 -4.09
N ILE A 101 -9.48 -13.47 -4.65
CA ILE A 101 -8.78 -14.51 -3.88
C ILE A 101 -7.36 -14.63 -4.45
N THR A 102 -6.50 -15.40 -3.76
CA THR A 102 -5.10 -15.52 -4.16
C THR A 102 -4.76 -16.94 -4.63
N GLN A 103 -3.47 -17.24 -4.74
CA GLN A 103 -3.01 -18.56 -5.22
C GLN A 103 -1.62 -18.81 -4.63
N PRO A 104 -1.09 -20.04 -4.80
CA PRO A 104 0.17 -20.30 -4.11
C PRO A 104 1.31 -19.35 -4.54
N PRO A 105 2.01 -18.77 -3.56
CA PRO A 105 2.91 -17.66 -3.83
C PRO A 105 4.30 -18.14 -4.25
N VAL A 106 4.37 -18.82 -5.39
CA VAL A 106 5.64 -19.33 -5.89
C VAL A 106 6.49 -18.20 -6.51
N VAL A 107 5.93 -17.00 -6.64
CA VAL A 107 6.59 -15.98 -7.46
CA VAL A 107 6.57 -15.92 -7.41
C VAL A 107 7.96 -15.54 -6.92
N ALA A 108 8.15 -15.45 -5.60
CA ALA A 108 9.48 -14.97 -5.12
C ALA A 108 10.61 -15.92 -5.47
N THR A 109 10.29 -17.20 -5.47
CA THR A 109 11.26 -18.24 -5.86
C THR A 109 11.69 -18.04 -7.31
N VAL A 110 10.72 -17.75 -8.17
CA VAL A 110 11.02 -17.51 -9.58
C VAL A 110 11.79 -16.20 -9.74
N VAL A 111 11.39 -15.17 -9.02
CA VAL A 111 12.10 -13.89 -9.09
C VAL A 111 13.57 -14.04 -8.65
N ARG A 112 13.84 -14.81 -7.60
CA ARG A 112 15.22 -15.03 -7.16
C ARG A 112 16.03 -15.68 -8.29
N TYR A 113 15.45 -16.68 -8.93
CA TYR A 113 16.11 -17.36 -10.04
C TYR A 113 16.39 -16.39 -11.20
N LEU A 114 15.38 -15.64 -11.62
CA LEU A 114 15.60 -14.63 -12.68
C LEU A 114 16.70 -13.64 -12.29
N TYR A 115 16.66 -13.21 -11.02
CA TYR A 115 17.62 -12.23 -10.55
C TYR A 115 19.05 -12.77 -10.59
N GLU A 116 19.25 -14.00 -10.13
CA GLU A 116 20.60 -14.56 -10.00
C GLU A 116 21.18 -14.99 -11.34
N LYS A 117 20.30 -15.38 -12.27
CA LYS A 117 20.77 -16.01 -13.52
C LYS A 117 20.66 -15.17 -14.79
N ASP A 118 19.98 -14.04 -14.75
CA ASP A 118 19.88 -13.19 -15.92
C ASP A 118 21.30 -12.79 -16.34
N PRO A 119 21.67 -13.01 -17.62
CA PRO A 119 23.03 -12.59 -18.01
C PRO A 119 23.24 -11.07 -18.01
N ASP A 120 22.16 -10.30 -18.07
CA ASP A 120 22.23 -8.84 -18.04
C ASP A 120 22.06 -8.39 -16.60
N ARG A 121 23.17 -8.07 -15.96
CA ARG A 121 23.15 -7.78 -14.53
C ARG A 121 22.49 -6.44 -14.22
N ASP A 122 22.63 -5.48 -15.11
CA ASP A 122 21.98 -4.20 -14.88
C ASP A 122 20.46 -4.38 -14.94
N ARG A 123 19.99 -5.18 -15.88
CA ARG A 123 18.55 -5.44 -15.98
C ARG A 123 18.08 -6.21 -14.76
N ALA A 124 18.84 -7.23 -14.37
CA ALA A 124 18.49 -8.01 -13.18
C ALA A 124 18.29 -7.13 -11.95
N ARG A 125 19.22 -6.20 -11.73
CA ARG A 125 19.14 -5.33 -10.57
C ARG A 125 17.94 -4.40 -10.69
N GLU A 126 17.70 -3.86 -11.89
CA GLU A 126 16.56 -2.97 -12.07
C GLU A 126 15.24 -3.69 -11.82
N ARG A 127 15.10 -4.90 -12.36
CA ARG A 127 13.83 -5.63 -12.23
C ARG A 127 13.61 -6.10 -10.79
N ALA A 128 14.66 -6.63 -10.16
CA ALA A 128 14.53 -7.12 -8.78
C ALA A 128 14.25 -5.99 -7.79
N ARG A 129 14.90 -4.85 -7.95
CA ARG A 129 14.62 -3.72 -7.07
C ARG A 129 13.19 -3.25 -7.22
N TYR A 130 12.64 -3.35 -8.43
CA TYR A 130 11.28 -2.95 -8.70
C TYR A 130 10.29 -3.92 -8.06
N LEU A 131 10.53 -5.21 -8.22
CA LEU A 131 9.61 -6.22 -7.72
C LEU A 131 9.73 -6.50 -6.22
N PHE A 132 10.90 -6.28 -5.61
CA PHE A 132 11.09 -6.69 -4.23
C PHE A 132 10.02 -6.13 -3.26
N PRO A 133 9.79 -4.79 -3.28
CA PRO A 133 8.79 -4.27 -2.33
C PRO A 133 7.36 -4.73 -2.63
N LYS A 134 7.09 -5.07 -3.88
CA LYS A 134 5.81 -5.64 -4.26
C LYS A 134 5.61 -7.07 -3.75
N LEU A 135 6.64 -7.92 -3.91
CA LEU A 135 6.64 -9.24 -3.31
C LEU A 135 6.47 -9.16 -1.79
N LEU A 136 7.23 -8.27 -1.16
CA LEU A 136 7.18 -8.12 0.28
C LEU A 136 5.76 -7.74 0.74
N ALA A 137 5.13 -6.84 -0.02
CA ALA A 137 3.77 -6.40 0.32
C ALA A 137 2.75 -7.53 0.17
N PHE A 138 2.96 -8.41 -0.82
CA PHE A 138 2.11 -9.56 -0.99
C PHE A 138 2.27 -10.54 0.18
N HIS A 139 3.51 -10.84 0.55
CA HIS A 139 3.74 -11.75 1.67
C HIS A 139 3.16 -11.13 2.95
N ARG A 140 3.35 -9.84 3.13
CA ARG A 140 2.80 -9.16 4.31
C ARG A 140 1.27 -9.27 4.37
N TRP A 141 0.61 -9.08 3.22
CA TRP A 141 -0.83 -9.25 3.12
C TRP A 141 -1.25 -10.66 3.54
N LEU A 142 -0.54 -11.67 3.05
CA LEU A 142 -0.87 -13.03 3.39
C LEU A 142 -0.95 -13.23 4.91
N TYR A 143 0.07 -12.81 5.65
CA TYR A 143 0.05 -12.97 7.11
C TYR A 143 -0.99 -12.09 7.78
N HIS A 144 -1.11 -10.85 7.34
CA HIS A 144 -2.08 -9.94 7.95
C HIS A 144 -3.52 -10.42 7.76
N ALA A 145 -3.86 -10.85 6.55
CA ALA A 145 -5.22 -11.25 6.24
C ALA A 145 -5.51 -12.71 6.63
N ARG A 146 -4.50 -13.58 6.51
CA ARG A 146 -4.74 -15.01 6.58
C ARG A 146 -4.03 -15.75 7.72
N ASP A 147 -3.35 -15.03 8.58
CA ASP A 147 -2.75 -15.61 9.78
C ASP A 147 -2.95 -14.68 10.99
N PRO A 148 -4.23 -14.42 11.33
CA PRO A 148 -4.56 -13.50 12.43
C PRO A 148 -4.12 -14.01 13.81
N TYR A 149 -4.00 -15.32 13.97
CA TYR A 149 -3.56 -15.92 15.25
C TYR A 149 -2.04 -16.10 15.32
N ARG A 150 -1.29 -15.54 14.36
CA ARG A 150 0.18 -15.50 14.41
C ARG A 150 0.80 -16.89 14.49
N THR A 151 0.20 -17.82 13.74
CA THR A 151 0.60 -19.22 13.78
C THR A 151 1.83 -19.53 12.95
N GLY A 152 2.12 -18.71 11.95
CA GLY A 152 3.14 -19.06 10.95
C GLY A 152 2.60 -19.81 9.74
N LEU A 153 1.34 -20.24 9.81
CA LEU A 153 0.65 -20.89 8.69
C LEU A 153 -0.45 -19.98 8.17
N VAL A 154 -0.58 -19.92 6.85
CA VAL A 154 -1.64 -19.12 6.24
C VAL A 154 -2.82 -20.00 5.88
N VAL A 155 -4.01 -19.43 6.02
CA VAL A 155 -5.27 -20.07 5.71
CA VAL A 155 -5.23 -20.16 5.66
C VAL A 155 -5.74 -19.72 4.29
N ILE A 156 -6.26 -20.70 3.56
CA ILE A 156 -7.02 -20.44 2.35
C ILE A 156 -8.51 -20.51 2.68
N VAL A 157 -9.28 -19.62 2.06
CA VAL A 157 -10.73 -19.56 2.25
C VAL A 157 -11.50 -20.06 1.04
N HIS A 158 -10.79 -20.47 -0.02
CA HIS A 158 -11.43 -21.01 -1.20
C HIS A 158 -10.53 -22.10 -1.76
N PRO A 159 -11.08 -23.25 -2.16
CA PRO A 159 -10.24 -24.31 -2.75
C PRO A 159 -9.44 -23.83 -3.98
N TRP A 160 -9.96 -22.86 -4.72
CA TRP A 160 -9.23 -22.26 -5.85
C TRP A 160 -7.86 -21.72 -5.44
N GLU A 161 -7.74 -21.26 -4.19
CA GLU A 161 -6.48 -20.66 -3.74
C GLU A 161 -5.34 -21.67 -3.57
N SER A 162 -5.68 -22.94 -3.44
CA SER A 162 -4.69 -24.02 -3.44
C SER A 162 -4.08 -24.25 -4.82
N GLY A 163 -4.75 -23.75 -5.87
CA GLY A 163 -4.38 -24.11 -7.23
C GLY A 163 -4.79 -25.52 -7.62
N MET A 164 -5.35 -26.27 -6.67
CA MET A 164 -5.66 -27.69 -6.82
C MET A 164 -7.16 -27.85 -6.56
N ASP A 165 -7.92 -27.29 -7.49
CA ASP A 165 -9.30 -26.88 -7.23
C ASP A 165 -10.17 -27.96 -6.58
N ASN A 166 -10.16 -29.17 -7.14
CA ASN A 166 -11.01 -30.24 -6.66
C ASN A 166 -10.24 -31.37 -5.97
N SER A 167 -9.10 -31.04 -5.37
CA SER A 167 -8.36 -32.03 -4.58
C SER A 167 -9.33 -32.73 -3.62
N PRO A 168 -9.24 -34.07 -3.49
CA PRO A 168 -10.11 -34.77 -2.52
C PRO A 168 -9.92 -34.27 -1.09
N ALA A 169 -8.79 -33.64 -0.79
CA ALA A 169 -8.61 -33.01 0.53
C ALA A 169 -9.71 -32.02 0.86
N TRP A 170 -10.28 -31.33 -0.14
CA TRP A 170 -11.27 -30.29 0.12
C TRP A 170 -12.73 -30.79 0.21
N ASP A 171 -12.96 -32.09 0.00
CA ASP A 171 -14.35 -32.63 -0.02
C ASP A 171 -15.11 -32.36 1.28
N LYS A 172 -14.59 -32.82 2.42
CA LYS A 172 -15.27 -32.55 3.70
C LYS A 172 -15.39 -31.07 4.06
N PRO A 173 -14.29 -30.29 3.93
CA PRO A 173 -14.46 -28.86 4.17
C PRO A 173 -15.55 -28.23 3.26
N LEU A 174 -15.60 -28.63 2.00
CA LEU A 174 -16.55 -28.04 1.07
C LEU A 174 -17.98 -28.45 1.36
N SER A 175 -18.16 -29.59 1.99
CA SER A 175 -19.51 -30.08 2.34
C SER A 175 -20.26 -29.14 3.29
N ARG A 176 -19.54 -28.25 3.97
CA ARG A 176 -20.16 -27.28 4.86
C ARG A 176 -20.58 -25.98 4.20
N VAL A 177 -20.28 -25.80 2.92
CA VAL A 177 -20.58 -24.57 2.23
C VAL A 177 -22.04 -24.63 1.79
N PRO A 178 -22.87 -23.66 2.20
CA PRO A 178 -24.30 -23.75 1.82
C PRO A 178 -24.51 -23.53 0.33
N VAL A 179 -25.49 -24.23 -0.25
CA VAL A 179 -25.85 -24.03 -1.64
C VAL A 179 -27.33 -23.68 -1.85
N GLU A 180 -28.12 -23.62 -0.76
CA GLU A 180 -29.54 -23.24 -0.84
C GLU A 180 -29.72 -21.89 -1.50
N ASN A 181 -30.67 -21.79 -2.43
CA ASN A 181 -30.99 -20.53 -3.11
C ASN A 181 -29.85 -19.98 -3.97
N LEU A 182 -28.89 -20.83 -4.33
CA LEU A 182 -27.85 -20.42 -5.25
C LEU A 182 -28.54 -20.32 -6.61
N PRO A 183 -28.40 -19.15 -7.26
CA PRO A 183 -28.99 -19.02 -8.59
C PRO A 183 -28.26 -19.90 -9.61
N PRO A 184 -28.96 -20.34 -10.66
CA PRO A 184 -28.23 -21.04 -11.72
C PRO A 184 -27.20 -20.13 -12.37
N TYR A 185 -26.16 -20.74 -12.93
CA TYR A 185 -25.08 -20.00 -13.56
C TYR A 185 -24.69 -20.84 -14.75
N GLU A 186 -23.85 -20.27 -15.62
CA GLU A 186 -23.51 -20.91 -16.87
C GLU A 186 -22.02 -21.27 -16.93
N ARG A 187 -21.71 -22.56 -16.81
CA ARG A 187 -20.33 -23.06 -16.95
C ARG A 187 -19.80 -22.77 -18.35
N ARG A 188 -18.52 -22.39 -18.44
CA ARG A 188 -17.87 -22.15 -19.73
C ARG A 188 -16.66 -23.07 -19.95
N ASP A 189 -16.14 -23.69 -18.89
CA ASP A 189 -14.97 -24.60 -19.00
C ASP A 189 -15.26 -25.81 -19.86
N VAL A 190 -16.53 -26.21 -19.85
CA VAL A 190 -17.00 -27.37 -20.60
C VAL A 190 -17.03 -27.16 -22.12
N LYS A 191 -16.80 -25.93 -22.59
CA LYS A 191 -16.58 -25.68 -24.04
C LYS A 191 -15.25 -26.29 -24.48
N HIS A 192 -14.30 -26.34 -23.57
CA HIS A 192 -12.91 -26.71 -23.87
C HIS A 192 -12.45 -28.07 -23.38
N VAL A 193 -13.09 -28.58 -22.33
CA VAL A 193 -12.66 -29.79 -21.67
C VAL A 193 -13.87 -30.63 -21.33
N ASN A 194 -13.76 -31.94 -21.55
CA ASN A 194 -14.84 -32.84 -21.22
C ASN A 194 -15.18 -32.76 -19.74
N PRO A 195 -16.50 -32.69 -19.40
CA PRO A 195 -16.88 -32.61 -17.99
C PRO A 195 -16.28 -33.70 -17.09
N GLU A 196 -16.00 -34.89 -17.63
CA GLU A 196 -15.44 -36.00 -16.86
C GLU A 196 -14.03 -35.67 -16.35
N GLU A 197 -13.40 -34.65 -16.94
CA GLU A 197 -12.03 -34.26 -16.57
C GLU A 197 -12.02 -33.00 -15.70
N ARG A 198 -13.20 -32.50 -15.35
CA ARG A 198 -13.37 -31.25 -14.63
C ARG A 198 -14.08 -31.42 -13.29
N PRO A 199 -14.03 -30.38 -12.43
CA PRO A 199 -14.85 -30.44 -11.21
C PRO A 199 -16.31 -30.65 -11.56
N ARG A 200 -17.02 -31.33 -10.67
CA ARG A 200 -18.45 -31.59 -10.88
C ARG A 200 -19.33 -30.40 -10.56
N LYS A 201 -20.61 -30.51 -10.89
CA LYS A 201 -21.56 -29.47 -10.56
C LYS A 201 -21.54 -29.10 -9.07
N GLU A 202 -21.47 -30.11 -8.21
CA GLU A 202 -21.56 -29.91 -6.76
C GLU A 202 -20.35 -29.13 -6.27
N ASP A 203 -19.22 -29.35 -6.92
CA ASP A 203 -18.01 -28.55 -6.65
C ASP A 203 -18.20 -27.09 -7.05
N TYR A 204 -18.57 -26.85 -8.31
CA TYR A 204 -18.79 -25.48 -8.75
C TYR A 204 -19.85 -24.73 -7.96
N ASP A 205 -20.92 -25.44 -7.56
CA ASP A 205 -21.96 -24.79 -6.74
C ASP A 205 -21.34 -24.15 -5.50
N ARG A 206 -20.45 -24.91 -4.86
CA ARG A 206 -19.80 -24.47 -3.63
C ARG A 206 -18.68 -23.45 -3.91
N TYR A 207 -17.93 -23.60 -5.01
CA TYR A 207 -17.00 -22.55 -5.43
C TYR A 207 -17.71 -21.19 -5.55
N LEU A 208 -18.89 -21.18 -6.20
CA LEU A 208 -19.63 -19.94 -6.44
C LEU A 208 -20.27 -19.40 -5.17
N SER A 209 -20.81 -20.29 -4.36
CA SER A 209 -21.36 -19.88 -3.04
C SER A 209 -20.32 -19.08 -2.23
N LEU A 210 -19.09 -19.59 -2.19
CA LEU A 210 -18.01 -18.89 -1.50
C LEU A 210 -17.73 -17.53 -2.12
N LEU A 211 -17.63 -17.48 -3.44
CA LEU A 211 -17.42 -16.25 -4.16
C LEU A 211 -18.49 -15.22 -3.78
N TYR A 212 -19.75 -15.65 -3.82
CA TYR A 212 -20.87 -14.73 -3.52
C TYR A 212 -20.79 -14.22 -2.09
N LEU A 213 -20.42 -15.09 -1.15
CA LEU A 213 -20.21 -14.64 0.24
C LEU A 213 -19.12 -13.57 0.30
N PHE A 214 -17.97 -13.83 -0.32
CA PHE A 214 -16.88 -12.86 -0.26
C PHE A 214 -17.26 -11.52 -0.90
N ARG A 215 -17.98 -11.60 -2.01
CA ARG A 215 -18.44 -10.41 -2.74
C ARG A 215 -19.41 -9.62 -1.86
N ARG A 216 -20.32 -10.31 -1.20
CA ARG A 216 -21.28 -9.66 -0.29
C ARG A 216 -20.54 -8.92 0.83
N LEU A 217 -19.43 -9.49 1.29
CA LEU A 217 -18.61 -8.88 2.32
C LEU A 217 -17.61 -7.85 1.77
N GLU A 218 -17.76 -7.47 0.50
CA GLU A 218 -16.86 -6.51 -0.16
C GLU A 218 -15.38 -6.89 -0.06
N TYR A 219 -15.13 -8.19 -0.01
CA TYR A 219 -13.78 -8.78 0.05
C TYR A 219 -12.96 -8.32 1.27
N ASP A 220 -13.66 -8.01 2.36
CA ASP A 220 -13.04 -7.58 3.60
C ASP A 220 -12.35 -8.74 4.31
N PRO A 221 -11.03 -8.65 4.53
CA PRO A 221 -10.31 -9.77 5.19
C PRO A 221 -10.86 -10.21 6.56
N ARG A 222 -11.12 -9.27 7.47
CA ARG A 222 -11.60 -9.64 8.81
C ARG A 222 -12.89 -10.46 8.77
N GLU A 223 -13.85 -10.03 7.94
CA GLU A 223 -15.13 -10.71 7.88
C GLU A 223 -15.05 -11.98 7.08
N ILE A 224 -14.23 -11.99 6.05
CA ILE A 224 -13.96 -13.22 5.30
C ILE A 224 -13.40 -14.31 6.25
N TYR A 225 -12.43 -13.95 7.09
CA TYR A 225 -11.83 -14.96 8.01
C TYR A 225 -12.86 -15.46 9.01
N ARG A 226 -13.66 -14.55 9.55
CA ARG A 226 -14.63 -14.95 10.55
C ARG A 226 -15.79 -15.71 9.96
N GLN A 227 -16.22 -15.35 8.76
CA GLN A 227 -17.45 -15.90 8.21
C GLN A 227 -17.25 -17.02 7.19
N SER A 228 -16.06 -17.18 6.63
CA SER A 228 -15.96 -18.22 5.60
C SER A 228 -16.25 -19.60 6.21
N PRO A 229 -17.18 -20.35 5.61
CA PRO A 229 -17.41 -21.73 6.03
C PRO A 229 -16.32 -22.69 5.55
N PHE A 230 -15.33 -22.17 4.80
CA PHE A 230 -14.19 -22.96 4.28
C PHE A 230 -12.95 -22.25 4.80
N LYS A 231 -12.22 -22.89 5.71
CA LYS A 231 -10.97 -22.35 6.27
C LYS A 231 -10.00 -23.51 6.43
N VAL A 232 -8.97 -23.54 5.58
CA VAL A 232 -8.08 -24.67 5.51
C VAL A 232 -6.63 -24.20 5.53
N VAL A 233 -5.79 -24.92 6.29
CA VAL A 233 -4.35 -24.78 6.17
C VAL A 233 -3.92 -25.81 5.12
N ASP A 234 -3.63 -25.32 3.91
CA ASP A 234 -3.22 -26.14 2.80
C ASP A 234 -1.71 -26.41 2.87
N VAL A 235 -1.33 -27.67 2.89
CA VAL A 235 0.08 -28.02 2.91
C VAL A 235 0.81 -27.50 1.67
N GLY A 236 0.15 -27.55 0.51
CA GLY A 236 0.78 -27.07 -0.71
C GLY A 236 1.07 -25.58 -0.69
N PHE A 237 0.03 -24.78 -0.40
CA PHE A 237 0.13 -23.33 -0.32
C PHE A 237 1.25 -22.96 0.65
N ASN A 238 1.24 -23.59 1.81
CA ASN A 238 2.21 -23.25 2.85
C ASN A 238 3.63 -23.70 2.58
N ALA A 239 3.80 -24.86 1.95
CA ALA A 239 5.14 -25.28 1.57
C ALA A 239 5.71 -24.33 0.55
N ILE A 240 4.88 -23.94 -0.41
CA ILE A 240 5.30 -22.98 -1.44
C ILE A 240 5.64 -21.61 -0.84
N LEU A 241 4.83 -21.16 0.11
CA LEU A 241 5.10 -19.91 0.84
C LEU A 241 6.40 -19.96 1.64
N GLN A 242 6.65 -21.07 2.33
CA GLN A 242 7.90 -21.21 3.09
C GLN A 242 9.08 -21.12 2.13
N ARG A 243 9.03 -21.85 1.01
CA ARG A 243 10.10 -21.76 0.02
C ARG A 243 10.27 -20.33 -0.48
N ALA A 244 9.15 -19.67 -0.78
CA ALA A 244 9.18 -18.33 -1.31
C ALA A 244 9.75 -17.35 -0.28
N ASN A 245 9.41 -17.51 0.99
CA ASN A 245 10.01 -16.70 2.07
C ASN A 245 11.53 -16.85 2.14
N ARG A 246 12.02 -18.08 2.06
CA ARG A 246 13.46 -18.31 2.05
C ARG A 246 14.13 -17.60 0.87
N ASP A 247 13.49 -17.66 -0.29
CA ASP A 247 14.04 -17.02 -1.48
C ASP A 247 13.93 -15.49 -1.43
N LEU A 248 12.84 -14.97 -0.85
CA LEU A 248 12.67 -13.54 -0.64
C LEU A 248 13.72 -12.98 0.32
N TYR A 249 14.03 -13.75 1.37
CA TYR A 249 15.12 -13.40 2.29
C TYR A 249 16.42 -13.21 1.53
N ALA A 250 16.75 -14.17 0.66
CA ALA A 250 18.00 -14.12 -0.08
C ALA A 250 18.05 -12.88 -0.97
N LEU A 251 16.95 -12.62 -1.66
CA LEU A 251 16.82 -11.36 -2.45
C LEU A 251 17.04 -10.12 -1.60
N ALA A 252 16.40 -10.06 -0.44
CA ALA A 252 16.56 -8.93 0.48
C ALA A 252 18.03 -8.70 0.82
N VAL A 253 18.73 -9.77 1.18
CA VAL A 253 20.13 -9.62 1.58
C VAL A 253 20.97 -9.16 0.38
N LEU A 254 20.77 -9.79 -0.76
CA LEU A 254 21.52 -9.44 -1.97
C LEU A 254 21.30 -8.00 -2.42
N LEU A 255 20.07 -7.52 -2.25
CA LEU A 255 19.69 -6.13 -2.60
C LEU A 255 19.95 -5.13 -1.46
N GLN A 256 20.44 -5.62 -0.33
CA GLN A 256 20.73 -4.80 0.83
C GLN A 256 19.49 -4.08 1.37
N GLU A 257 18.43 -4.87 1.56
CA GLU A 257 17.23 -4.47 2.27
C GLU A 257 17.18 -5.22 3.61
N ASP A 258 16.44 -4.69 4.59
CA ASP A 258 16.39 -5.29 5.93
C ASP A 258 15.38 -6.45 5.87
N PRO A 259 15.82 -7.70 6.11
CA PRO A 259 14.91 -8.83 6.03
C PRO A 259 14.37 -9.33 7.36
N TYR A 260 14.43 -8.51 8.42
CA TYR A 260 14.10 -8.96 9.77
C TYR A 260 12.68 -9.54 9.79
N GLU A 261 11.76 -8.87 9.11
CA GLU A 261 10.35 -9.27 9.01
C GLU A 261 10.22 -10.66 8.38
N ILE A 262 10.94 -10.84 7.29
CA ILE A 262 10.94 -12.10 6.54
C ILE A 262 11.52 -13.25 7.39
N GLU A 263 12.56 -12.95 8.17
CA GLU A 263 13.15 -13.96 9.04
C GLU A 263 12.09 -14.53 10.00
N GLU A 264 11.25 -13.67 10.55
CA GLU A 264 10.18 -14.15 11.45
C GLU A 264 9.22 -15.07 10.71
N TRP A 265 8.86 -14.71 9.47
CA TRP A 265 7.97 -15.57 8.69
C TRP A 265 8.59 -16.95 8.48
N ILE A 266 9.88 -16.94 8.18
CA ILE A 266 10.59 -18.19 7.90
C ILE A 266 10.63 -19.11 9.14
N VAL A 267 11.00 -18.53 10.27
CA VAL A 267 11.19 -19.31 11.49
C VAL A 267 9.87 -19.85 11.99
N ARG A 268 8.85 -18.99 12.04
CA ARG A 268 7.52 -19.42 12.47
C ARG A 268 6.88 -20.36 11.46
N GLY A 269 7.16 -20.15 10.17
CA GLY A 269 6.65 -21.03 9.15
C GLY A 269 7.25 -22.41 9.15
N GLU A 270 8.50 -22.51 9.58
CA GLU A 270 9.15 -23.81 9.66
C GLU A 270 8.47 -24.64 10.74
N VAL A 271 8.17 -23.99 11.87
CA VAL A 271 7.46 -24.66 12.95
C VAL A 271 6.10 -25.14 12.46
N GLY A 272 5.36 -24.25 11.80
CA GLY A 272 4.01 -24.58 11.32
C GLY A 272 4.00 -25.70 10.30
N LEU A 273 4.87 -25.60 9.30
CA LEU A 273 4.83 -26.59 8.22
C LEU A 273 5.16 -27.97 8.73
N GLU A 274 6.14 -28.07 9.62
CA GLU A 274 6.46 -29.36 10.19
C GLU A 274 5.38 -29.95 11.10
N ALA A 275 4.53 -29.09 11.65
CA ALA A 275 3.40 -29.55 12.44
C ALA A 275 2.39 -30.36 11.61
N LEU A 276 2.34 -30.13 10.31
CA LEU A 276 1.37 -30.82 9.44
C LEU A 276 1.72 -32.27 9.22
N TRP A 277 2.92 -32.67 9.59
CA TRP A 277 3.32 -34.08 9.47
C TRP A 277 2.51 -34.95 10.42
N ASP A 278 1.91 -36.02 9.87
CA ASP A 278 1.22 -37.02 10.66
C ASP A 278 2.09 -38.27 10.74
N ARG A 279 2.59 -38.55 11.94
CA ARG A 279 3.45 -39.71 12.12
C ARG A 279 2.77 -41.04 11.87
N GLU A 280 1.50 -41.20 12.24
CA GLU A 280 0.82 -42.48 12.04
C GLU A 280 0.66 -42.79 10.55
N ALA A 281 0.34 -41.77 9.76
CA ALA A 281 0.18 -41.91 8.31
C ALA A 281 1.48 -41.85 7.54
N GLY A 282 2.51 -41.24 8.14
CA GLY A 282 3.77 -41.02 7.48
C GLY A 282 3.62 -40.10 6.27
N PHE A 283 2.94 -38.98 6.49
CA PHE A 283 2.66 -38.04 5.40
C PHE A 283 2.25 -36.69 5.96
N TYR A 284 2.36 -35.65 5.12
CA TYR A 284 1.89 -34.32 5.49
C TYR A 284 0.43 -34.13 5.07
N PHE A 285 -0.38 -33.65 5.99
CA PHE A 285 -1.80 -33.38 5.71
C PHE A 285 -2.10 -31.89 5.78
N SER A 286 -3.04 -31.46 4.94
CA SER A 286 -3.69 -30.18 5.16
C SER A 286 -4.62 -30.30 6.36
N TRP A 287 -4.95 -29.15 6.97
CA TRP A 287 -5.81 -29.08 8.12
C TRP A 287 -7.09 -28.29 7.87
N ASP A 288 -8.19 -28.81 8.41
CA ASP A 288 -9.49 -28.17 8.31
C ASP A 288 -9.74 -27.43 9.61
N LEU A 289 -9.72 -26.12 9.55
CA LEU A 289 -9.82 -25.30 10.77
C LEU A 289 -11.25 -25.06 11.22
N VAL A 290 -12.22 -25.36 10.35
CA VAL A 290 -13.63 -25.30 10.78
C VAL A 290 -13.93 -26.49 11.68
N ALA A 291 -13.56 -27.70 11.22
CA ALA A 291 -13.69 -28.92 12.02
C ALA A 291 -12.62 -28.99 13.11
N GLY A 292 -11.50 -28.28 12.90
CA GLY A 292 -10.34 -28.37 13.80
C GLY A 292 -9.62 -29.71 13.75
N GLU A 293 -9.47 -30.25 12.54
CA GLU A 293 -8.94 -31.60 12.32
C GLU A 293 -7.99 -31.67 11.15
N PRO A 294 -6.96 -32.51 11.24
CA PRO A 294 -6.26 -32.86 10.00
C PRO A 294 -7.18 -33.52 8.98
N ILE A 295 -6.94 -33.22 7.70
CA ILE A 295 -7.64 -33.87 6.60
C ILE A 295 -6.79 -35.06 6.17
N ALA A 296 -7.28 -36.26 6.49
CA ALA A 296 -6.47 -37.47 6.33
C ALA A 296 -6.59 -38.04 4.92
N VAL A 297 -6.10 -37.26 3.95
CA VAL A 297 -6.10 -37.64 2.54
C VAL A 297 -4.71 -37.31 2.03
N LYS A 298 -4.03 -38.31 1.47
CA LYS A 298 -2.67 -38.14 0.94
C LYS A 298 -2.75 -37.68 -0.50
N THR A 299 -2.40 -36.41 -0.73
CA THR A 299 -2.36 -35.85 -2.08
C THR A 299 -0.92 -35.51 -2.45
N SER A 300 -0.70 -35.18 -3.72
CA SER A 300 0.64 -34.81 -4.16
C SER A 300 1.14 -33.53 -3.45
N ALA A 301 0.23 -32.71 -2.95
CA ALA A 301 0.63 -31.50 -2.23
C ALA A 301 1.43 -31.82 -0.96
N GLY A 302 1.17 -32.97 -0.37
CA GLY A 302 1.88 -33.41 0.81
C GLY A 302 3.35 -33.74 0.62
N PHE A 303 3.82 -33.82 -0.63
CA PHE A 303 5.25 -33.92 -0.94
C PHE A 303 5.92 -32.55 -0.98
N LEU A 304 5.14 -31.47 -1.05
CA LEU A 304 5.73 -30.16 -1.32
C LEU A 304 6.60 -29.60 -0.18
N PRO A 305 6.46 -30.11 1.06
CA PRO A 305 7.47 -29.63 2.03
C PRO A 305 8.92 -29.93 1.66
N LEU A 306 9.15 -30.92 0.81
CA LEU A 306 10.50 -31.14 0.28
C LEU A 306 11.03 -29.90 -0.46
N PHE A 307 10.15 -29.27 -1.24
CA PHE A 307 10.48 -28.06 -1.99
C PHE A 307 10.72 -26.89 -1.05
N ALA A 308 10.03 -26.88 0.09
CA ALA A 308 10.26 -25.88 1.12
C ALA A 308 11.62 -26.07 1.84
N GLY A 309 12.05 -27.30 1.97
CA GLY A 309 13.32 -27.61 2.63
C GLY A 309 13.25 -27.69 4.16
N THR A 310 12.05 -27.97 4.67
CA THR A 310 11.82 -28.06 6.13
C THR A 310 12.03 -29.45 6.78
N PRO A 311 11.71 -30.56 6.07
CA PRO A 311 11.86 -31.82 6.81
C PRO A 311 13.31 -32.19 7.07
N HIS A 312 13.53 -33.04 8.06
CA HIS A 312 14.79 -33.74 8.15
C HIS A 312 14.79 -34.91 7.16
N GLN A 313 15.98 -35.44 6.96
CA GLN A 313 16.21 -36.49 5.96
C GLN A 313 15.38 -37.75 6.19
N GLY A 314 15.21 -38.12 7.45
CA GLY A 314 14.39 -39.29 7.79
C GLY A 314 12.98 -39.15 7.27
N ARG A 315 12.41 -37.98 7.51
CA ARG A 315 11.10 -37.66 7.05
C ARG A 315 11.05 -37.64 5.50
N ALA A 316 12.09 -37.07 4.87
CA ALA A 316 12.19 -37.08 3.42
C ALA A 316 12.26 -38.53 2.89
N SER A 317 12.96 -39.39 3.63
CA SER A 317 13.06 -40.80 3.23
CA SER A 317 13.06 -40.81 3.28
C SER A 317 11.70 -41.50 3.31
N LEU A 318 10.88 -41.15 4.31
CA LEU A 318 9.52 -41.72 4.40
C LEU A 318 8.64 -41.25 3.22
N LEU A 319 8.78 -39.98 2.82
CA LEU A 319 8.13 -39.52 1.59
C LEU A 319 8.64 -40.25 0.35
N ALA A 320 9.95 -40.50 0.27
CA ALA A 320 10.52 -41.24 -0.87
C ALA A 320 9.90 -42.63 -0.98
N GLN A 321 9.72 -43.28 0.17
CA GLN A 321 9.04 -44.58 0.23
C GLN A 321 7.61 -44.49 -0.26
N GLU A 322 6.91 -43.43 0.15
CA GLU A 322 5.55 -43.25 -0.28
C GLU A 322 5.45 -43.03 -1.78
N ALA A 323 6.34 -42.22 -2.36
CA ALA A 323 6.34 -42.00 -3.79
C ALA A 323 6.58 -43.32 -4.52
N GLU A 324 7.52 -44.09 -4.02
CA GLU A 324 7.76 -45.44 -4.57
C GLU A 324 6.47 -46.29 -4.49
N ARG A 325 5.77 -46.25 -3.37
CA ARG A 325 4.47 -46.96 -3.24
C ARG A 325 3.49 -46.55 -4.31
N TRP A 326 3.35 -45.25 -4.56
CA TRP A 326 2.42 -44.79 -5.57
C TRP A 326 2.82 -45.32 -6.94
N GLY A 327 4.12 -45.39 -7.17
CA GLY A 327 4.68 -45.97 -8.38
C GLY A 327 4.49 -47.47 -8.55
N GLU A 328 4.11 -48.18 -7.50
CA GLU A 328 3.73 -49.60 -7.61
C GLU A 328 2.38 -49.76 -8.29
N LYS A 329 1.57 -48.71 -8.27
CA LYS A 329 0.20 -48.75 -8.78
C LYS A 329 -0.07 -47.92 -10.03
N ALA A 330 0.74 -46.89 -10.26
CA ALA A 330 0.62 -46.04 -11.45
C ALA A 330 1.88 -46.12 -12.28
N ARG A 331 1.74 -46.24 -13.60
CA ARG A 331 2.91 -46.23 -14.48
C ARG A 331 3.68 -44.92 -14.40
N TYR A 332 2.96 -43.81 -14.33
CA TYR A 332 3.57 -42.48 -14.39
C TYR A 332 3.44 -41.80 -13.03
N LEU A 333 4.56 -41.38 -12.47
CA LEU A 333 4.57 -40.53 -11.30
C LEU A 333 4.46 -39.09 -11.75
N LEU A 334 3.93 -38.19 -10.94
CA LEU A 334 3.37 -38.42 -9.61
C LEU A 334 1.87 -38.16 -9.70
N PRO A 335 1.04 -39.19 -9.42
CA PRO A 335 -0.39 -38.88 -9.41
C PRO A 335 -0.75 -37.85 -8.35
N SER A 336 -1.81 -37.10 -8.60
CA SER A 336 -2.21 -36.02 -7.70
C SER A 336 -2.84 -36.51 -6.40
N VAL A 337 -3.29 -37.76 -6.39
CA VAL A 337 -3.71 -38.41 -5.16
CA VAL A 337 -3.79 -38.43 -5.18
C VAL A 337 -3.24 -39.85 -5.16
N ASP A 338 -3.05 -40.39 -3.95
CA ASP A 338 -2.64 -41.76 -3.76
C ASP A 338 -3.52 -42.67 -4.64
N PRO A 339 -2.90 -43.46 -5.53
CA PRO A 339 -3.70 -44.27 -6.44
C PRO A 339 -4.53 -45.36 -5.75
N THR A 340 -4.25 -45.63 -4.47
CA THR A 340 -5.07 -46.56 -3.69
C THR A 340 -6.18 -45.85 -2.90
N SER A 341 -6.26 -44.52 -2.98
CA SER A 341 -7.30 -43.79 -2.28
C SER A 341 -8.65 -44.16 -2.89
N PRO A 342 -9.69 -44.29 -2.05
CA PRO A 342 -11.03 -44.47 -2.61
C PRO A 342 -11.52 -43.28 -3.45
N PHE A 343 -10.85 -42.12 -3.36
CA PHE A 343 -11.19 -40.92 -4.10
C PHE A 343 -10.44 -40.77 -5.43
N PHE A 344 -9.54 -41.70 -5.72
CA PHE A 344 -8.73 -41.67 -6.94
C PHE A 344 -9.59 -41.78 -8.20
N GLU A 345 -9.44 -40.79 -9.08
CA GLU A 345 -10.12 -40.73 -10.36
C GLU A 345 -9.05 -40.35 -11.37
N PRO A 346 -8.57 -41.30 -12.19
CA PRO A 346 -7.36 -41.04 -12.97
C PRO A 346 -7.47 -39.98 -14.07
N GLY A 347 -8.68 -39.55 -14.41
CA GLY A 347 -8.87 -38.49 -15.38
C GLY A 347 -9.34 -37.15 -14.86
N ARG A 348 -9.76 -37.07 -13.59
CA ARG A 348 -10.50 -35.90 -13.12
C ARG A 348 -9.65 -34.89 -12.35
N TYR A 349 -8.84 -34.13 -13.11
CA TYR A 349 -8.28 -32.86 -12.65
C TYR A 349 -7.28 -33.10 -11.52
N TRP A 350 -7.59 -32.70 -10.28
CA TRP A 350 -6.68 -32.91 -9.15
C TRP A 350 -6.97 -34.13 -8.28
N ARG A 351 -7.73 -35.09 -8.79
CA ARG A 351 -8.12 -36.26 -8.04
C ARG A 351 -7.39 -37.53 -8.52
N GLY A 352 -6.22 -37.37 -9.13
CA GLY A 352 -5.47 -38.54 -9.64
C GLY A 352 -4.47 -38.24 -10.76
N PRO A 353 -4.86 -37.41 -11.74
CA PRO A 353 -3.93 -37.10 -12.83
C PRO A 353 -2.56 -36.54 -12.40
N VAL A 354 -1.58 -36.76 -13.28
CA VAL A 354 -0.21 -36.25 -13.16
C VAL A 354 -0.15 -34.84 -13.69
N TRP A 355 0.52 -33.97 -12.94
CA TRP A 355 0.70 -32.58 -13.29
C TRP A 355 2.18 -32.24 -13.39
N ILE A 356 2.54 -31.52 -14.43
CA ILE A 356 3.94 -31.27 -14.69
C ILE A 356 4.57 -30.33 -13.66
N ASN A 357 3.85 -29.29 -13.26
CA ASN A 357 4.39 -28.36 -12.27
C ASN A 357 4.71 -29.02 -10.91
N VAL A 358 3.83 -29.92 -10.49
CA VAL A 358 4.03 -30.65 -9.24
C VAL A 358 5.15 -31.69 -9.39
N ASN A 359 5.21 -32.41 -10.52
CA ASN A 359 6.35 -33.29 -10.77
C ASN A 359 7.66 -32.50 -10.63
N TRP A 360 7.69 -31.30 -11.21
CA TRP A 360 8.88 -30.46 -11.16
C TRP A 360 9.24 -30.02 -9.73
N MET A 361 8.27 -29.49 -8.97
CA MET A 361 8.58 -29.03 -7.62
C MET A 361 9.01 -30.20 -6.73
N VAL A 362 8.35 -31.33 -6.86
CA VAL A 362 8.67 -32.50 -6.04
C VAL A 362 10.01 -33.12 -6.43
N ALA A 363 10.33 -33.16 -7.73
CA ALA A 363 11.66 -33.60 -8.18
C ALA A 363 12.75 -32.68 -7.63
N GLU A 364 12.53 -31.38 -7.71
CA GLU A 364 13.44 -30.40 -7.11
C GLU A 364 13.68 -30.73 -5.64
N GLY A 365 12.60 -30.96 -4.89
CA GLY A 365 12.70 -31.25 -3.46
C GLY A 365 13.46 -32.54 -3.20
N PHE A 366 13.11 -33.60 -3.94
CA PHE A 366 13.81 -34.86 -3.74
C PHE A 366 15.29 -34.74 -4.06
N ARG A 367 15.63 -34.02 -5.12
CA ARG A 367 17.04 -33.77 -5.48
C ARG A 367 17.75 -33.11 -4.32
N ASP A 368 17.12 -32.12 -3.72
CA ASP A 368 17.73 -31.36 -2.65
C ASP A 368 18.03 -32.25 -1.43
N TYR A 369 17.24 -33.31 -1.27
CA TYR A 369 17.42 -34.27 -0.17
C TYR A 369 18.27 -35.48 -0.56
N GLY A 370 18.88 -35.45 -1.75
CA GLY A 370 19.77 -36.56 -2.16
C GLY A 370 19.13 -37.74 -2.85
N PHE A 371 17.82 -37.65 -3.11
CA PHE A 371 17.06 -38.73 -3.74
C PHE A 371 17.09 -38.54 -5.26
N ALA A 372 18.28 -38.76 -5.83
CA ALA A 372 18.52 -38.45 -7.24
C ALA A 372 17.72 -39.35 -8.18
N ALA A 373 17.60 -40.63 -7.82
CA ALA A 373 16.88 -41.59 -8.67
C ALA A 373 15.41 -41.23 -8.78
N LEU A 374 14.82 -40.88 -7.66
CA LEU A 374 13.44 -40.46 -7.63
C LEU A 374 13.23 -39.15 -8.41
N ALA A 375 14.11 -38.19 -8.21
CA ALA A 375 14.03 -36.93 -8.98
C ALA A 375 14.12 -37.22 -10.49
N ALA A 376 15.03 -38.12 -10.87
CA ALA A 376 15.20 -38.48 -12.29
C ALA A 376 13.97 -39.17 -12.86
N ARG A 377 13.34 -40.01 -12.05
CA ARG A 377 12.11 -40.69 -12.46
C ARG A 377 10.97 -39.70 -12.70
N LEU A 378 10.81 -38.72 -11.80
CA LEU A 378 9.78 -37.69 -11.95
C LEU A 378 9.99 -36.84 -13.20
N LYS A 379 11.25 -36.49 -13.45
CA LYS A 379 11.58 -35.82 -14.72
C LYS A 379 11.30 -36.69 -15.94
N ALA A 380 11.82 -37.90 -15.93
CA ALA A 380 11.63 -38.80 -17.06
C ALA A 380 10.15 -39.02 -17.37
N ASP A 381 9.34 -39.26 -16.34
CA ASP A 381 7.90 -39.44 -16.56
C ASP A 381 7.25 -38.18 -17.13
N ALA A 382 7.57 -37.02 -16.56
CA ALA A 382 7.02 -35.76 -17.08
C ALA A 382 7.36 -35.57 -18.57
N LEU A 383 8.63 -35.79 -18.91
CA LEU A 383 9.07 -35.58 -20.30
C LEU A 383 8.48 -36.62 -21.26
N ALA A 384 8.39 -37.87 -20.82
CA ALA A 384 7.75 -38.94 -21.61
C ALA A 384 6.29 -38.60 -21.93
N LEU A 385 5.57 -38.13 -20.92
CA LEU A 385 4.16 -37.77 -21.09
C LEU A 385 4.00 -36.67 -22.15
N MET A 386 4.86 -35.65 -22.08
CA MET A 386 4.79 -34.52 -23.00
C MET A 386 5.25 -34.91 -24.41
N GLU A 387 6.25 -35.78 -24.50
CA GLU A 387 6.70 -36.29 -25.80
C GLU A 387 5.58 -37.03 -26.53
N ARG A 388 4.84 -37.87 -25.81
CA ARG A 388 3.84 -38.73 -26.44
C ARG A 388 2.50 -38.04 -26.65
N GLU A 389 2.11 -37.16 -25.73
CA GLU A 389 0.77 -36.59 -25.73
C GLU A 389 0.73 -35.08 -25.93
N GLY A 390 1.89 -34.47 -26.12
CA GLY A 390 1.97 -33.03 -26.23
C GLY A 390 1.78 -32.36 -24.88
N PHE A 391 1.54 -31.06 -24.94
CA PHE A 391 1.53 -30.19 -23.75
C PHE A 391 0.11 -30.02 -23.28
N ARG A 392 -0.25 -30.82 -22.30
CA ARG A 392 -1.59 -30.90 -21.77
C ARG A 392 -1.57 -30.48 -20.31
N GLU A 393 -2.74 -30.16 -19.79
CA GLU A 393 -2.86 -29.69 -18.41
C GLU A 393 -2.50 -30.81 -17.41
N TYR A 394 -2.94 -32.04 -17.68
CA TYR A 394 -2.63 -33.18 -16.79
C TYR A 394 -2.76 -34.45 -17.59
N TYR A 395 -2.36 -35.55 -16.98
CA TYR A 395 -2.22 -36.82 -17.68
C TYR A 395 -2.73 -37.94 -16.81
N ASP A 396 -3.39 -38.91 -17.44
CA ASP A 396 -3.84 -40.11 -16.74
C ASP A 396 -2.58 -40.88 -16.27
N PRO A 397 -2.50 -41.19 -14.96
CA PRO A 397 -1.26 -41.82 -14.48
C PRO A 397 -1.15 -43.30 -14.85
N LEU A 398 -2.25 -43.90 -15.30
CA LEU A 398 -2.27 -45.33 -15.60
C LEU A 398 -1.93 -45.55 -17.06
N THR A 399 -2.49 -44.71 -17.93
CA THR A 399 -2.34 -44.86 -19.38
C THR A 399 -1.42 -43.84 -20.02
N GLY A 400 -1.24 -42.69 -19.35
CA GLY A 400 -0.48 -41.59 -19.90
C GLY A 400 -1.27 -40.64 -20.78
N GLN A 401 -2.57 -40.90 -20.97
CA GLN A 401 -3.35 -40.10 -21.91
C GLN A 401 -3.46 -38.65 -21.45
N GLY A 402 -3.30 -37.71 -22.38
CA GLY A 402 -3.49 -36.28 -22.09
C GLY A 402 -4.92 -35.95 -21.73
N ARG A 403 -5.07 -35.00 -20.82
CA ARG A 403 -6.35 -34.59 -20.30
C ARG A 403 -6.35 -33.10 -20.02
N GLY A 404 -7.54 -32.53 -19.82
CA GLY A 404 -7.69 -31.10 -19.56
C GLY A 404 -7.32 -30.19 -20.71
N GLY A 405 -6.84 -29.00 -20.39
CA GLY A 405 -6.45 -28.02 -21.38
C GLY A 405 -5.46 -28.54 -22.42
N GLU A 406 -5.66 -28.10 -23.65
CA GLU A 406 -4.75 -28.35 -24.75
C GLU A 406 -3.81 -27.17 -24.87
N GLY A 407 -2.59 -27.44 -25.34
CA GLY A 407 -1.55 -26.42 -25.46
C GLY A 407 -1.35 -25.68 -24.15
N PHE A 408 -1.08 -26.44 -23.09
CA PHE A 408 -1.08 -25.88 -21.75
C PHE A 408 0.30 -25.31 -21.39
N SER A 409 0.30 -24.04 -21.02
CA SER A 409 1.52 -23.24 -20.94
C SER A 409 2.55 -23.76 -19.93
N TRP A 410 2.18 -24.06 -18.69
CA TRP A 410 3.26 -24.40 -17.76
C TRP A 410 3.90 -25.76 -18.08
N SER A 411 3.18 -26.60 -18.81
CA SER A 411 3.74 -27.87 -19.26
C SER A 411 4.85 -27.59 -20.28
N ALA A 412 4.55 -26.77 -21.28
CA ALA A 412 5.54 -26.32 -22.24
C ALA A 412 6.70 -25.60 -21.56
N ALA A 413 6.37 -24.67 -20.66
CA ALA A 413 7.40 -23.91 -19.98
C ALA A 413 8.37 -24.78 -19.22
N LEU A 414 7.84 -25.74 -18.49
CA LEU A 414 8.68 -26.57 -17.64
C LEU A 414 9.41 -27.64 -18.46
N ALA A 415 8.85 -28.07 -19.59
CA ALA A 415 9.63 -28.89 -20.54
C ALA A 415 10.90 -28.15 -20.94
N LEU A 416 10.77 -26.87 -21.26
CA LEU A 416 11.90 -26.03 -21.64
C LEU A 416 12.88 -25.82 -20.48
N PHE A 417 12.35 -25.48 -19.30
CA PHE A 417 13.21 -25.25 -18.17
C PHE A 417 13.97 -26.51 -17.72
N TRP A 418 13.26 -27.63 -17.70
CA TRP A 418 13.84 -28.88 -17.17
C TRP A 418 14.94 -29.40 -18.08
N THR A 419 14.88 -29.07 -19.37
CA THR A 419 15.84 -29.57 -20.35
C THR A 419 16.85 -28.49 -20.74
N ARG A 420 16.96 -27.42 -19.95
CA ARG A 420 17.88 -26.33 -20.27
C ARG A 420 19.32 -26.79 -20.22
N PRO B 3 -24.03 38.79 6.62
CA PRO B 3 -23.11 38.73 7.74
C PRO B 3 -22.10 37.60 7.60
N LEU B 4 -21.35 37.31 8.66
CA LEU B 4 -20.20 36.39 8.56
C LEU B 4 -20.53 34.97 8.05
N ARG B 5 -21.52 34.29 8.64
CA ARG B 5 -21.75 32.89 8.29
C ARG B 5 -22.31 32.68 6.87
N THR B 6 -23.37 33.41 6.50
CA THR B 6 -23.88 33.29 5.13
C THR B 6 -22.81 33.68 4.09
N LYS B 7 -22.03 34.72 4.36
CA LYS B 7 -20.98 35.14 3.43
C LYS B 7 -19.88 34.07 3.34
N ALA B 8 -19.55 33.48 4.48
CA ALA B 8 -18.58 32.36 4.50
C ALA B 8 -19.05 31.19 3.64
N VAL B 9 -20.33 30.82 3.74
CA VAL B 9 -20.89 29.74 2.95
C VAL B 9 -20.74 30.07 1.47
N GLU B 10 -20.96 31.33 1.10
CA GLU B 10 -20.83 31.73 -0.30
C GLU B 10 -19.42 31.51 -0.87
N VAL B 11 -18.40 31.78 -0.06
CA VAL B 11 -17.01 31.55 -0.46
C VAL B 11 -16.79 30.05 -0.72
N LEU B 12 -17.25 29.20 0.18
CA LEU B 12 -17.05 27.77 0.01
C LEU B 12 -17.77 27.23 -1.23
N GLN B 13 -18.99 27.72 -1.46
CA GLN B 13 -19.75 27.32 -2.64
C GLN B 13 -19.08 27.77 -3.93
N ARG B 14 -18.59 29.00 -3.95
CA ARG B 14 -17.88 29.58 -5.08
C ARG B 14 -16.61 28.79 -5.41
N ASN B 15 -15.91 28.37 -4.36
CA ASN B 15 -14.62 27.69 -4.52
C ASN B 15 -14.75 26.18 -4.68
N SER B 16 -15.96 25.65 -4.56
CA SER B 16 -16.17 24.21 -4.74
C SER B 16 -15.95 23.85 -6.20
N ARG B 17 -15.35 22.68 -6.42
CA ARG B 17 -15.20 22.14 -7.77
C ARG B 17 -15.90 20.79 -7.85
N GLY B 18 -16.86 20.56 -6.96
CA GLY B 18 -17.60 19.31 -6.90
C GLY B 18 -17.30 18.55 -5.63
N ALA B 19 -16.21 17.79 -5.64
CA ALA B 19 -15.83 16.95 -4.50
C ALA B 19 -14.68 17.55 -3.66
N PHE B 20 -14.11 18.66 -4.14
CA PHE B 20 -13.06 19.36 -3.43
C PHE B 20 -13.24 20.87 -3.60
N THR B 21 -12.52 21.61 -2.77
CA THR B 21 -12.62 23.05 -2.70
C THR B 21 -11.24 23.62 -2.98
N VAL B 22 -11.12 24.54 -3.93
CA VAL B 22 -9.85 25.23 -4.14
C VAL B 22 -9.58 26.18 -2.97
N PRO B 23 -8.30 26.35 -2.60
CA PRO B 23 -8.04 27.33 -1.52
C PRO B 23 -8.40 28.77 -1.88
N ALA B 24 -8.27 29.09 -3.17
CA ALA B 24 -8.65 30.39 -3.71
C ALA B 24 -8.61 30.33 -5.23
N HIS B 25 -9.58 30.98 -5.85
CA HIS B 25 -9.68 31.04 -7.31
C HIS B 25 -8.42 31.61 -7.92
N GLY B 26 -7.90 30.94 -8.95
CA GLY B 26 -6.77 31.45 -9.70
C GLY B 26 -5.44 31.20 -9.02
N LEU B 27 -5.28 31.79 -7.84
CA LEU B 27 -4.05 31.66 -7.07
C LEU B 27 -3.72 30.19 -6.74
N TYR B 28 -4.73 29.43 -6.32
CA TYR B 28 -4.51 28.06 -5.82
C TYR B 28 -5.55 27.14 -6.47
N PRO B 29 -5.38 26.86 -7.78
CA PRO B 29 -6.45 26.25 -8.58
C PRO B 29 -6.47 24.71 -8.52
N TYR B 30 -6.13 24.14 -7.35
CA TYR B 30 -6.04 22.68 -7.19
C TYR B 30 -6.53 22.30 -5.79
N GLN B 31 -6.43 21.01 -5.43
CA GLN B 31 -6.73 20.58 -4.06
C GLN B 31 -5.44 20.54 -3.23
N TRP B 32 -5.43 21.25 -2.09
CA TRP B 32 -4.34 21.22 -1.14
C TRP B 32 -4.69 20.40 0.10
N LEU B 33 -3.68 19.74 0.66
CA LEU B 33 -3.84 18.79 1.76
C LEU B 33 -4.35 19.45 3.05
N TRP B 34 -3.55 20.29 3.69
CA TRP B 34 -4.05 20.81 4.97
C TRP B 34 -5.22 21.78 4.76
N ASP B 35 -5.26 22.45 3.60
CA ASP B 35 -6.41 23.29 3.29
C ASP B 35 -7.70 22.49 3.30
N SER B 36 -7.71 21.34 2.61
CA SER B 36 -8.94 20.55 2.53
C SER B 36 -9.37 20.05 3.91
N ALA B 37 -8.40 19.76 4.78
CA ALA B 37 -8.74 19.36 6.13
C ALA B 37 -9.49 20.48 6.89
N PHE B 38 -8.95 21.70 6.90
CA PHE B 38 -9.64 22.81 7.59
C PHE B 38 -10.98 23.11 6.91
N ILE B 39 -11.00 23.04 5.58
CA ILE B 39 -12.22 23.33 4.81
C ILE B 39 -13.35 22.36 5.12
N ALA B 40 -13.05 21.07 5.28
CA ALA B 40 -14.05 20.11 5.69
C ALA B 40 -14.80 20.52 6.96
N LEU B 41 -14.07 21.12 7.91
CA LEU B 41 -14.71 21.59 9.14
C LEU B 41 -15.78 22.65 8.81
N GLY B 42 -15.50 23.53 7.85
CA GLY B 42 -16.46 24.53 7.41
C GLY B 42 -17.69 23.90 6.79
N TRP B 43 -17.50 22.88 5.95
CA TRP B 43 -18.64 22.22 5.33
C TRP B 43 -19.60 21.53 6.31
N THR B 44 -19.13 21.19 7.52
CA THR B 44 -20.02 20.54 8.51
C THR B 44 -21.19 21.46 8.87
N GLN B 45 -21.00 22.75 8.64
CA GLN B 45 -22.02 23.76 8.90
C GLN B 45 -23.02 23.94 7.73
N VAL B 46 -22.81 23.21 6.64
CA VAL B 46 -23.58 23.38 5.40
C VAL B 46 -24.19 22.06 4.92
N ASP B 47 -23.36 21.02 4.81
CA ASP B 47 -23.78 19.74 4.23
C ASP B 47 -22.78 18.67 4.68
N TRP B 48 -23.25 17.72 5.48
CA TRP B 48 -22.36 16.68 6.04
C TRP B 48 -21.74 15.78 4.98
N GLU B 49 -22.55 15.42 3.98
CA GLU B 49 -22.07 14.56 2.91
C GLU B 49 -20.88 15.25 2.25
N ARG B 50 -21.03 16.55 2.03
CA ARG B 50 -20.04 17.35 1.33
C ARG B 50 -18.76 17.54 2.14
N ALA B 51 -18.89 17.69 3.45
CA ALA B 51 -17.74 17.72 4.35
C ALA B 51 -16.90 16.46 4.24
N TRP B 52 -17.55 15.30 4.28
CA TRP B 52 -16.86 14.02 4.14
C TRP B 52 -16.25 13.90 2.74
N GLN B 53 -17.00 14.34 1.72
CA GLN B 53 -16.52 14.23 0.34
C GLN B 53 -15.16 14.91 0.13
N GLU B 54 -14.96 16.07 0.76
CA GLU B 54 -13.70 16.79 0.65
C GLU B 54 -12.52 15.85 0.98
N LEU B 55 -12.69 15.03 2.02
CA LEU B 55 -11.61 14.16 2.52
C LEU B 55 -11.52 12.88 1.75
N LEU B 56 -12.66 12.32 1.38
CA LEU B 56 -12.68 11.16 0.50
C LEU B 56 -11.93 11.46 -0.80
N CYS B 57 -12.15 12.66 -1.32
CA CYS B 57 -11.53 13.10 -2.58
C CYS B 57 -10.01 13.21 -2.39
N LEU B 58 -9.59 13.84 -1.29
CA LEU B 58 -8.17 13.99 -1.00
C LEU B 58 -7.45 12.63 -0.98
N PHE B 59 -8.03 11.66 -0.29
CA PHE B 59 -7.41 10.35 -0.21
C PHE B 59 -7.53 9.52 -1.48
N ASP B 60 -8.75 9.45 -2.04
CA ASP B 60 -8.99 8.56 -3.19
C ASP B 60 -8.17 9.02 -4.39
N TYR B 61 -8.10 10.33 -4.61
CA TYR B 61 -7.35 10.87 -5.76
C TYR B 61 -5.90 11.28 -5.46
N GLY B 62 -5.57 11.41 -4.18
CA GLY B 62 -4.23 11.90 -3.82
C GLY B 62 -3.26 10.87 -3.29
N GLN B 63 -3.74 9.92 -2.49
CA GLN B 63 -2.83 9.05 -1.75
C GLN B 63 -2.14 8.08 -2.66
N GLY B 64 -0.81 8.05 -2.54
CA GLY B 64 0.00 7.16 -3.37
C GLY B 64 0.06 5.77 -2.80
N PRO B 65 0.67 4.85 -3.55
CA PRO B 65 0.58 3.45 -3.16
C PRO B 65 1.36 3.06 -1.91
N ASP B 66 2.34 3.88 -1.51
CA ASP B 66 3.09 3.69 -0.28
C ASP B 66 2.46 4.43 0.92
N GLY B 67 1.28 5.01 0.72
CA GLY B 67 0.56 5.71 1.79
C GLY B 67 0.81 7.21 1.82
N MET B 68 1.77 7.71 1.05
CA MET B 68 2.06 9.13 1.09
C MET B 68 0.87 9.97 0.63
N LEU B 69 0.57 11.03 1.38
CA LEU B 69 -0.49 11.98 0.99
C LEU B 69 0.22 13.25 0.53
N PRO B 70 0.03 13.65 -0.75
CA PRO B 70 0.78 14.76 -1.32
C PRO B 70 0.13 16.09 -0.96
N HIS B 71 0.91 17.15 -0.99
CA HIS B 71 0.36 18.46 -0.63
C HIS B 71 -0.59 19.04 -1.68
N ILE B 72 -0.43 18.64 -2.95
CA ILE B 72 -1.35 19.09 -3.99
C ILE B 72 -1.80 17.92 -4.83
N VAL B 73 -3.10 17.88 -5.10
CA VAL B 73 -3.69 16.99 -6.10
C VAL B 73 -4.09 17.87 -7.29
N PHE B 74 -3.44 17.62 -8.42
CA PHE B 74 -3.59 18.50 -9.60
C PHE B 74 -4.79 18.06 -10.44
N HIS B 75 -6.00 18.25 -9.93
CA HIS B 75 -7.21 17.70 -10.54
C HIS B 75 -7.44 18.20 -11.96
N GLU B 76 -7.37 19.52 -12.18
CA GLU B 76 -7.64 20.08 -13.51
C GLU B 76 -6.47 20.90 -14.02
N GLN B 77 -6.26 20.84 -15.33
CA GLN B 77 -5.16 21.56 -15.99
C GLN B 77 -5.36 23.07 -15.87
N SER B 78 -4.31 23.78 -15.49
CA SER B 78 -4.36 25.24 -15.38
C SER B 78 -3.00 25.86 -15.66
N ARG B 79 -2.99 27.07 -16.23
CA ARG B 79 -1.75 27.83 -16.37
C ARG B 79 -1.64 28.91 -15.28
N ASP B 80 -2.51 28.85 -14.27
CA ASP B 80 -2.62 29.90 -13.27
C ASP B 80 -1.67 29.72 -12.08
N TYR B 81 -1.03 28.55 -12.00
CA TYR B 81 -0.14 28.18 -10.89
C TYR B 81 1.19 27.65 -11.40
N PHE B 82 2.27 28.04 -10.73
CA PHE B 82 3.59 27.48 -10.98
C PHE B 82 4.32 27.19 -9.66
N PRO B 83 4.92 26.01 -9.52
CA PRO B 83 5.04 24.88 -10.47
C PRO B 83 3.86 23.91 -10.48
N GLY B 84 3.37 23.59 -11.68
CA GLY B 84 2.31 22.62 -11.86
C GLY B 84 2.85 21.22 -12.06
N PRO B 85 1.99 20.30 -12.49
CA PRO B 85 2.35 18.87 -12.55
C PRO B 85 3.48 18.53 -13.51
N ASP B 86 3.57 19.28 -14.60
CA ASP B 86 4.64 19.06 -15.58
C ASP B 86 6.04 19.26 -14.97
N VAL B 87 6.15 20.14 -13.99
CA VAL B 87 7.43 20.43 -13.34
C VAL B 87 7.84 19.30 -12.40
N TRP B 88 6.87 18.72 -11.70
CA TRP B 88 7.11 17.56 -10.82
C TRP B 88 7.42 16.31 -11.67
N GLY B 89 6.93 16.30 -12.91
CA GLY B 89 7.13 15.17 -13.80
C GLY B 89 6.30 14.01 -13.28
N ARG B 90 5.14 14.36 -12.73
CA ARG B 90 4.22 13.39 -12.10
C ARG B 90 2.87 13.44 -12.80
N GLN B 95 -5.21 7.95 -11.24
CA GLN B 95 -5.30 9.17 -10.44
C GLN B 95 -4.79 10.37 -11.22
N PRO B 96 -5.25 11.58 -10.84
CA PRO B 96 -4.65 12.79 -11.41
C PRO B 96 -3.21 12.89 -10.93
N ALA B 97 -2.41 13.74 -11.58
CA ALA B 97 -1.07 13.99 -11.10
C ALA B 97 -1.14 14.63 -9.70
N THR B 98 -0.08 14.42 -8.93
CA THR B 98 0.06 15.01 -7.59
C THR B 98 1.48 15.55 -7.42
N SER B 99 1.66 16.38 -6.38
CA SER B 99 3.00 16.79 -5.99
C SER B 99 3.77 15.63 -5.36
N GLY B 100 5.06 15.85 -5.10
CA GLY B 100 5.95 14.82 -4.55
C GLY B 100 6.39 15.06 -3.11
N ILE B 101 5.69 15.95 -2.42
CA ILE B 101 5.97 16.29 -1.02
C ILE B 101 4.65 16.28 -0.27
N THR B 102 4.70 16.34 1.06
CA THR B 102 3.50 16.26 1.90
C THR B 102 3.23 17.65 2.57
N GLN B 103 2.38 17.65 3.58
CA GLN B 103 2.02 18.86 4.33
C GLN B 103 1.54 18.44 5.71
N PRO B 104 1.30 19.42 6.60
CA PRO B 104 0.99 19.01 7.98
C PRO B 104 -0.24 18.11 8.11
N PRO B 105 -0.10 17.01 8.87
CA PRO B 105 -1.11 15.95 8.86
C PRO B 105 -2.24 16.20 9.86
N VAL B 106 -3.02 17.25 9.61
CA VAL B 106 -4.11 17.61 10.51
C VAL B 106 -5.35 16.77 10.21
N VAL B 107 -5.29 15.97 9.15
CA VAL B 107 -6.47 15.28 8.65
CA VAL B 107 -6.45 15.22 8.65
C VAL B 107 -7.12 14.31 9.68
N ALA B 108 -6.33 13.54 10.43
CA ALA B 108 -6.94 12.61 11.44
C ALA B 108 -7.80 13.35 12.48
N THR B 109 -7.33 14.53 12.87
CA THR B 109 -8.05 15.36 13.84
C THR B 109 -9.41 15.75 13.29
N VAL B 110 -9.44 16.11 12.01
CA VAL B 110 -10.68 16.50 11.36
C VAL B 110 -11.59 15.29 11.15
N VAL B 111 -11.03 14.18 10.72
CA VAL B 111 -11.83 12.97 10.54
C VAL B 111 -12.50 12.54 11.86
N ARG B 112 -11.77 12.63 12.96
CA ARG B 112 -12.33 12.30 14.25
C ARG B 112 -13.53 13.20 14.58
N TYR B 113 -13.40 14.50 14.32
CA TYR B 113 -14.53 15.41 14.57
C TYR B 113 -15.73 15.02 13.73
N LEU B 114 -15.52 14.83 12.43
CA LEU B 114 -16.63 14.46 11.54
C LEU B 114 -17.27 13.17 12.05
N TYR B 115 -16.44 12.19 12.42
CA TYR B 115 -16.97 10.92 12.89
C TYR B 115 -17.84 11.13 14.16
N GLU B 116 -17.35 11.89 15.12
CA GLU B 116 -18.09 12.05 16.38
C GLU B 116 -19.36 12.88 16.22
N LYS B 117 -19.36 13.84 15.30
CA LYS B 117 -20.47 14.82 15.26
C LYS B 117 -21.48 14.68 14.14
N ASP B 118 -21.25 13.79 13.18
CA ASP B 118 -22.18 13.65 12.07
C ASP B 118 -23.50 13.15 12.66
N PRO B 119 -24.61 13.87 12.41
CA PRO B 119 -25.91 13.39 12.93
C PRO B 119 -26.36 12.04 12.38
N ASP B 120 -25.86 11.68 11.21
CA ASP B 120 -26.18 10.38 10.61
C ASP B 120 -25.11 9.41 11.04
N ARG B 121 -25.43 8.58 12.04
CA ARG B 121 -24.45 7.70 12.67
C ARG B 121 -24.00 6.56 11.75
N ASP B 122 -24.87 6.10 10.86
CA ASP B 122 -24.50 5.06 9.89
C ASP B 122 -23.51 5.61 8.88
N ARG B 123 -23.73 6.84 8.42
CA ARG B 123 -22.80 7.47 7.49
C ARG B 123 -21.45 7.67 8.20
N ALA B 124 -21.50 8.14 9.45
CA ALA B 124 -20.28 8.40 10.22
C ALA B 124 -19.42 7.15 10.29
N ARG B 125 -20.02 6.03 10.67
CA ARG B 125 -19.30 4.75 10.79
C ARG B 125 -18.75 4.31 9.44
N GLU B 126 -19.57 4.39 8.40
CA GLU B 126 -19.16 3.97 7.07
C GLU B 126 -17.96 4.79 6.57
N ARG B 127 -18.03 6.11 6.71
CA ARG B 127 -16.97 6.98 6.24
C ARG B 127 -15.70 6.82 7.07
N ALA B 128 -15.85 6.72 8.37
CA ALA B 128 -14.68 6.64 9.26
C ALA B 128 -13.96 5.32 9.07
N ARG B 129 -14.71 4.23 8.95
CA ARG B 129 -14.13 2.92 8.66
C ARG B 129 -13.42 2.89 7.33
N TYR B 130 -13.94 3.62 6.36
CA TYR B 130 -13.29 3.73 5.04
C TYR B 130 -11.96 4.50 5.13
N LEU B 131 -11.96 5.61 5.87
CA LEU B 131 -10.76 6.46 5.92
C LEU B 131 -9.72 5.99 6.92
N PHE B 132 -10.13 5.26 7.94
CA PHE B 132 -9.20 4.88 9.00
C PHE B 132 -7.91 4.19 8.50
N PRO B 133 -8.03 3.16 7.66
CA PRO B 133 -6.77 2.53 7.20
C PRO B 133 -5.92 3.42 6.29
N LYS B 134 -6.57 4.33 5.58
CA LYS B 134 -5.88 5.31 4.75
C LYS B 134 -5.12 6.33 5.61
N LEU B 135 -5.74 6.80 6.70
CA LEU B 135 -5.03 7.66 7.67
C LEU B 135 -3.84 6.92 8.28
N LEU B 136 -4.08 5.68 8.69
CA LEU B 136 -3.02 4.87 9.28
C LEU B 136 -1.83 4.69 8.32
N ALA B 137 -2.13 4.41 7.06
CA ALA B 137 -1.09 4.29 6.05
C ALA B 137 -0.29 5.57 5.84
N PHE B 138 -0.97 6.73 5.90
CA PHE B 138 -0.29 7.99 5.76
C PHE B 138 0.66 8.21 6.93
N HIS B 139 0.17 8.02 8.16
CA HIS B 139 1.02 8.18 9.33
C HIS B 139 2.20 7.20 9.28
N ARG B 140 1.93 5.96 8.87
CA ARG B 140 2.99 4.96 8.73
C ARG B 140 4.06 5.40 7.74
N TRP B 141 3.62 5.97 6.62
CA TRP B 141 4.54 6.49 5.61
C TRP B 141 5.40 7.57 6.21
N LEU B 142 4.80 8.47 7.00
CA LEU B 142 5.57 9.55 7.58
C LEU B 142 6.74 9.04 8.41
N TYR B 143 6.51 8.05 9.27
CA TYR B 143 7.56 7.51 10.11
C TYR B 143 8.58 6.72 9.31
N HIS B 144 8.10 5.89 8.38
CA HIS B 144 9.00 5.08 7.58
C HIS B 144 9.91 5.94 6.69
N ALA B 145 9.35 6.98 6.05
CA ALA B 145 10.14 7.83 5.17
C ALA B 145 10.93 8.94 5.86
N ARG B 146 10.35 9.50 6.92
CA ARG B 146 10.85 10.73 7.51
C ARG B 146 11.34 10.59 8.96
N ASP B 147 11.28 9.39 9.52
CA ASP B 147 11.86 9.13 10.85
C ASP B 147 12.58 7.79 10.85
N PRO B 148 13.58 7.65 9.97
CA PRO B 148 14.27 6.36 9.83
C PRO B 148 15.05 5.98 11.08
N TYR B 149 15.45 6.95 11.91
CA TYR B 149 16.16 6.64 13.18
C TYR B 149 15.23 6.42 14.37
N ARG B 150 13.91 6.35 14.13
CA ARG B 150 12.93 6.04 15.19
C ARG B 150 13.02 7.04 16.36
N THR B 151 13.16 8.32 16.04
CA THR B 151 13.25 9.37 17.04
C THR B 151 11.88 9.76 17.64
N GLY B 152 10.80 9.48 16.90
CA GLY B 152 9.47 9.98 17.26
C GLY B 152 9.16 11.33 16.63
N LEU B 153 10.15 11.97 16.02
CA LEU B 153 9.98 13.21 15.28
C LEU B 153 10.16 12.97 13.79
N VAL B 154 9.37 13.64 12.96
CA VAL B 154 9.49 13.49 11.50
C VAL B 154 10.17 14.71 10.91
N VAL B 155 10.89 14.48 9.83
CA VAL B 155 11.61 15.50 9.10
CA VAL B 155 11.56 15.58 9.11
C VAL B 155 10.80 15.98 7.87
N ILE B 156 10.81 17.29 7.61
CA ILE B 156 10.41 17.84 6.32
C ILE B 156 11.66 18.07 5.49
N VAL B 157 11.53 17.84 4.19
CA VAL B 157 12.62 18.05 3.23
C VAL B 157 12.38 19.24 2.32
N HIS B 158 11.28 19.95 2.53
CA HIS B 158 10.97 21.12 1.72
C HIS B 158 10.19 22.07 2.59
N PRO B 159 10.51 23.37 2.58
CA PRO B 159 9.72 24.33 3.37
C PRO B 159 8.21 24.31 3.05
N TRP B 160 7.80 23.99 1.82
CA TRP B 160 6.38 23.83 1.49
C TRP B 160 5.67 22.83 2.39
N GLU B 161 6.40 21.81 2.89
CA GLU B 161 5.77 20.78 3.72
C GLU B 161 5.37 21.27 5.10
N SER B 162 5.95 22.38 5.55
CA SER B 162 5.51 23.01 6.80
C SER B 162 4.16 23.71 6.64
N GLY B 163 3.75 23.97 5.40
CA GLY B 163 2.59 24.81 5.14
C GLY B 163 2.87 26.29 5.34
N MET B 164 4.09 26.60 5.80
CA MET B 164 4.49 27.95 6.18
C MET B 164 5.69 28.35 5.36
N ASP B 165 5.42 28.52 4.07
CA ASP B 165 6.43 28.41 3.01
C ASP B 165 7.70 29.22 3.27
N ASN B 166 7.53 30.51 3.59
CA ASN B 166 8.66 31.42 3.78
C ASN B 166 8.86 31.85 5.22
N SER B 167 8.48 30.98 6.15
CA SER B 167 8.77 31.23 7.57
C SER B 167 10.24 31.61 7.73
N PRO B 168 10.55 32.62 8.55
CA PRO B 168 11.95 32.95 8.75
C PRO B 168 12.78 31.81 9.33
N ALA B 169 12.11 30.86 9.99
CA ALA B 169 12.83 29.69 10.52
C ALA B 169 13.59 28.94 9.42
N TRP B 170 13.10 29.01 8.18
CA TRP B 170 13.70 28.25 7.07
C TRP B 170 14.85 28.99 6.37
N ASP B 171 15.11 30.25 6.75
CA ASP B 171 16.10 31.06 6.02
C ASP B 171 17.50 30.39 5.97
N LYS B 172 18.06 30.03 7.13
CA LYS B 172 19.42 29.48 7.17
C LYS B 172 19.44 28.09 6.53
N PRO B 173 18.49 27.20 6.89
CA PRO B 173 18.47 25.92 6.17
C PRO B 173 18.36 26.09 4.64
N LEU B 174 17.52 27.02 4.17
CA LEU B 174 17.36 27.23 2.73
C LEU B 174 18.63 27.77 2.07
N SER B 175 19.44 28.48 2.83
CA SER B 175 20.63 29.10 2.27
C SER B 175 21.64 28.07 1.78
N ARG B 176 21.51 26.82 2.21
CA ARG B 176 22.39 25.74 1.77
C ARG B 176 21.95 25.03 0.49
N VAL B 177 20.78 25.40 -0.03
CA VAL B 177 20.24 24.76 -1.21
C VAL B 177 20.90 25.43 -2.44
N PRO B 178 21.61 24.65 -3.27
CA PRO B 178 22.22 25.25 -4.46
C PRO B 178 21.21 25.72 -5.50
N VAL B 179 21.58 26.77 -6.24
CA VAL B 179 20.70 27.33 -7.27
C VAL B 179 21.37 27.43 -8.65
N GLU B 180 22.60 26.97 -8.79
CA GLU B 180 23.31 27.09 -10.06
C GLU B 180 22.68 26.20 -11.12
N ASN B 181 22.58 26.72 -12.34
CA ASN B 181 22.00 26.00 -13.49
C ASN B 181 20.51 25.69 -13.35
N LEU B 182 19.79 26.50 -12.59
CA LEU B 182 18.34 26.34 -12.48
C LEU B 182 17.71 26.89 -13.77
N PRO B 183 16.83 26.10 -14.41
CA PRO B 183 16.16 26.65 -15.60
C PRO B 183 15.30 27.88 -15.29
N PRO B 184 15.31 28.88 -16.18
CA PRO B 184 14.45 30.06 -15.98
C PRO B 184 12.97 29.69 -15.92
N TYR B 185 12.20 30.50 -15.20
CA TYR B 185 10.79 30.24 -15.03
C TYR B 185 10.05 31.56 -14.81
N GLU B 186 8.74 31.57 -15.02
CA GLU B 186 7.93 32.75 -14.70
C GLU B 186 6.97 32.44 -13.55
N ARG B 187 6.99 33.31 -12.55
CA ARG B 187 6.10 33.19 -11.40
C ARG B 187 4.67 33.46 -11.81
N ARG B 188 3.74 32.67 -11.29
CA ARG B 188 2.32 32.86 -11.58
C ARG B 188 1.55 33.39 -10.38
N ASP B 189 2.02 33.11 -9.17
CA ASP B 189 1.36 33.56 -7.95
C ASP B 189 1.27 35.09 -7.89
N VAL B 190 2.32 35.74 -8.40
CA VAL B 190 2.42 37.21 -8.36
C VAL B 190 1.47 37.91 -9.33
N LYS B 191 0.77 37.12 -10.15
CA LYS B 191 -0.31 37.63 -10.99
C LYS B 191 -1.62 37.80 -10.22
N HIS B 192 -1.71 37.13 -9.08
CA HIS B 192 -2.92 37.13 -8.25
C HIS B 192 -2.75 37.89 -6.95
N VAL B 193 -1.50 38.04 -6.52
CA VAL B 193 -1.16 38.63 -5.24
C VAL B 193 0.06 39.52 -5.44
N ASN B 194 0.06 40.70 -4.81
CA ASN B 194 1.21 41.57 -4.84
C ASN B 194 2.48 40.84 -4.48
N PRO B 195 3.54 41.02 -5.27
CA PRO B 195 4.80 40.35 -4.93
C PRO B 195 5.29 40.65 -3.50
N GLU B 196 4.95 41.82 -2.96
CA GLU B 196 5.39 42.21 -1.63
C GLU B 196 4.81 41.32 -0.53
N GLU B 197 3.73 40.59 -0.86
CA GLU B 197 3.03 39.73 0.08
C GLU B 197 3.38 38.25 -0.13
N ARG B 198 4.32 37.97 -1.02
CA ARG B 198 4.67 36.61 -1.43
C ARG B 198 6.16 36.35 -1.20
N PRO B 199 6.58 35.07 -1.29
CA PRO B 199 8.00 34.79 -1.18
C PRO B 199 8.84 35.47 -2.27
N ARG B 200 10.05 35.83 -1.91
CA ARG B 200 10.98 36.46 -2.83
C ARG B 200 11.52 35.48 -3.87
N LYS B 201 12.20 36.02 -4.89
CA LYS B 201 12.81 35.20 -5.90
C LYS B 201 13.81 34.19 -5.33
N GLU B 202 14.60 34.62 -4.37
CA GLU B 202 15.62 33.78 -3.75
C GLU B 202 14.98 32.56 -3.09
N ASP B 203 13.83 32.76 -2.47
CA ASP B 203 13.05 31.65 -1.89
C ASP B 203 12.61 30.67 -2.99
N TYR B 204 11.90 31.17 -4.00
CA TYR B 204 11.40 30.30 -5.07
C TYR B 204 12.51 29.57 -5.82
N ASP B 205 13.63 30.24 -6.06
CA ASP B 205 14.75 29.55 -6.70
C ASP B 205 15.11 28.27 -5.93
N ARG B 206 15.12 28.38 -4.60
CA ARG B 206 15.47 27.23 -3.76
C ARG B 206 14.32 26.22 -3.61
N TYR B 207 13.08 26.70 -3.57
CA TYR B 207 11.92 25.78 -3.62
C TYR B 207 12.01 24.88 -4.86
N LEU B 208 12.38 25.48 -5.99
CA LEU B 208 12.42 24.75 -7.26
C LEU B 208 13.63 23.84 -7.33
N SER B 209 14.78 24.30 -6.84
CA SER B 209 15.98 23.46 -6.78
C SER B 209 15.70 22.17 -6.03
N LEU B 210 15.01 22.28 -4.90
CA LEU B 210 14.65 21.08 -4.14
C LEU B 210 13.70 20.19 -4.92
N LEU B 211 12.69 20.78 -5.55
CA LEU B 211 11.74 20.01 -6.36
C LEU B 211 12.50 19.19 -7.41
N TYR B 212 13.39 19.85 -8.14
CA TYR B 212 14.16 19.14 -9.18
C TYR B 212 15.07 18.03 -8.65
N LEU B 213 15.67 18.24 -7.48
CA LEU B 213 16.45 17.17 -6.84
C LEU B 213 15.57 15.95 -6.58
N PHE B 214 14.40 16.19 -6.00
CA PHE B 214 13.52 15.08 -5.69
C PHE B 214 13.04 14.35 -6.94
N ARG B 215 12.77 15.12 -7.99
CA ARG B 215 12.39 14.54 -9.28
C ARG B 215 13.52 13.68 -9.86
N ARG B 216 14.75 14.17 -9.79
CA ARG B 216 15.92 13.40 -10.27
C ARG B 216 16.12 12.10 -9.49
N LEU B 217 15.78 12.13 -8.20
CA LEU B 217 15.82 10.92 -7.38
C LEU B 217 14.57 10.06 -7.50
N GLU B 218 13.69 10.40 -8.45
CA GLU B 218 12.46 9.63 -8.72
C GLU B 218 11.59 9.49 -7.47
N TYR B 219 11.66 10.52 -6.62
CA TYR B 219 10.86 10.59 -5.39
C TYR B 219 11.05 9.40 -4.47
N ASP B 220 12.24 8.81 -4.51
CA ASP B 220 12.59 7.73 -3.62
C ASP B 220 12.77 8.23 -2.19
N PRO B 221 11.92 7.77 -1.25
CA PRO B 221 11.99 8.28 0.14
C PRO B 221 13.38 8.24 0.79
N ARG B 222 14.05 7.10 0.67
CA ARG B 222 15.33 6.88 1.37
C ARG B 222 16.47 7.73 0.80
N GLU B 223 16.51 7.88 -0.52
CA GLU B 223 17.50 8.75 -1.14
C GLU B 223 17.21 10.23 -0.88
N ILE B 224 15.93 10.60 -0.88
CA ILE B 224 15.55 11.99 -0.56
C ILE B 224 16.01 12.36 0.85
N TYR B 225 15.78 11.47 1.81
CA TYR B 225 16.21 11.70 3.19
C TYR B 225 17.73 11.83 3.27
N ARG B 226 18.45 10.93 2.60
CA ARG B 226 19.90 10.97 2.61
C ARG B 226 20.48 12.23 1.95
N GLN B 227 19.92 12.62 0.81
CA GLN B 227 20.56 13.61 -0.06
C GLN B 227 19.99 15.02 0.05
N SER B 228 18.77 15.17 0.56
CA SER B 228 18.20 16.51 0.64
C SER B 228 19.10 17.47 1.42
N PRO B 229 19.44 18.63 0.83
CA PRO B 229 20.21 19.62 1.54
C PRO B 229 19.40 20.46 2.53
N PHE B 230 18.08 20.23 2.56
CA PHE B 230 17.16 20.80 3.54
C PHE B 230 16.52 19.66 4.32
N LYS B 231 16.78 19.58 5.62
CA LYS B 231 16.23 18.55 6.47
C LYS B 231 15.97 19.15 7.83
N VAL B 232 14.68 19.32 8.15
CA VAL B 232 14.28 20.13 9.31
C VAL B 232 13.22 19.39 10.11
N VAL B 233 13.35 19.40 11.44
CA VAL B 233 12.28 18.94 12.32
C VAL B 233 11.45 20.17 12.60
N ASP B 234 10.30 20.26 11.94
CA ASP B 234 9.42 21.42 12.04
C ASP B 234 8.54 21.22 13.26
N VAL B 235 8.61 22.17 14.19
CA VAL B 235 7.74 22.11 15.38
C VAL B 235 6.24 22.13 15.01
N GLY B 236 5.87 22.86 13.95
CA GLY B 236 4.46 22.90 13.53
C GLY B 236 3.93 21.55 13.04
N PHE B 237 4.67 21.01 12.07
CA PHE B 237 4.36 19.72 11.46
C PHE B 237 4.25 18.68 12.57
N ASN B 238 5.24 18.65 13.45
CA ASN B 238 5.29 17.62 14.49
C ASN B 238 4.20 17.80 15.57
N ALA B 239 3.89 19.03 15.94
CA ALA B 239 2.80 19.26 16.89
C ALA B 239 1.45 18.81 16.32
N ILE B 240 1.22 19.14 15.05
CA ILE B 240 0.04 18.73 14.35
C ILE B 240 -0.04 17.19 14.23
N LEU B 241 1.09 16.57 13.88
CA LEU B 241 1.14 15.09 13.88
C LEU B 241 0.84 14.49 15.24
N GLN B 242 1.40 15.04 16.30
CA GLN B 242 1.15 14.49 17.63
C GLN B 242 -0.36 14.57 17.98
N ARG B 243 -0.99 15.70 17.69
CA ARG B 243 -2.43 15.85 17.91
C ARG B 243 -3.19 14.86 17.07
N ALA B 244 -2.80 14.74 15.80
CA ALA B 244 -3.45 13.79 14.89
C ALA B 244 -3.34 12.35 15.40
N ASN B 245 -2.18 11.98 15.94
CA ASN B 245 -1.98 10.62 16.52
C ASN B 245 -2.91 10.38 17.71
N ARG B 246 -3.03 11.37 18.59
CA ARG B 246 -3.97 11.27 19.69
C ARG B 246 -5.39 11.04 19.19
N ASP B 247 -5.75 11.75 18.12
CA ASP B 247 -7.12 11.68 17.62
C ASP B 247 -7.34 10.38 16.84
N LEU B 248 -6.30 9.90 16.14
CA LEU B 248 -6.39 8.63 15.43
C LEU B 248 -6.51 7.47 16.43
N TYR B 249 -5.79 7.54 17.54
CA TYR B 249 -5.94 6.58 18.65
C TYR B 249 -7.41 6.51 19.11
N ALA B 250 -8.02 7.67 19.35
CA ALA B 250 -9.39 7.71 19.82
C ALA B 250 -10.34 7.10 18.82
N LEU B 251 -10.12 7.41 17.54
CA LEU B 251 -10.91 6.80 16.45
C LEU B 251 -10.74 5.29 16.44
N ALA B 252 -9.50 4.80 16.57
CA ALA B 252 -9.23 3.37 16.62
C ALA B 252 -10.02 2.69 17.74
N VAL B 253 -10.01 3.28 18.92
CA VAL B 253 -10.72 2.69 20.05
C VAL B 253 -12.23 2.68 19.82
N LEU B 254 -12.78 3.80 19.34
CA LEU B 254 -14.21 3.92 19.10
C LEU B 254 -14.68 2.96 18.02
N LEU B 255 -13.86 2.76 16.99
CA LEU B 255 -14.18 1.83 15.88
C LEU B 255 -13.79 0.36 16.15
N GLN B 256 -13.19 0.10 17.32
CA GLN B 256 -12.69 -1.21 17.69
C GLN B 256 -11.66 -1.77 16.70
N GLU B 257 -10.70 -0.92 16.34
CA GLU B 257 -9.49 -1.31 15.62
C GLU B 257 -8.32 -1.38 16.59
N ASP B 258 -7.27 -2.11 16.26
CA ASP B 258 -6.10 -2.26 17.14
C ASP B 258 -5.24 -0.97 17.08
N PRO B 259 -5.02 -0.29 18.21
CA PRO B 259 -4.23 0.95 18.14
C PRO B 259 -2.83 0.82 18.72
N TYR B 260 -2.34 -0.41 18.90
CA TYR B 260 -1.05 -0.62 19.57
C TYR B 260 0.07 0.21 18.94
N GLU B 261 0.09 0.22 17.60
CA GLU B 261 1.08 0.95 16.80
C GLU B 261 0.98 2.47 17.04
N ILE B 262 -0.25 2.95 17.07
CA ILE B 262 -0.50 4.37 17.25
C ILE B 262 -0.03 4.82 18.63
N GLU B 263 -0.21 3.95 19.64
CA GLU B 263 0.24 4.25 20.99
C GLU B 263 1.75 4.52 21.03
N GLU B 264 2.51 3.73 20.29
CA GLU B 264 3.95 3.95 20.22
C GLU B 264 4.28 5.30 19.59
N TRP B 265 3.58 5.67 18.53
CA TRP B 265 3.81 6.97 17.91
C TRP B 265 3.52 8.08 18.91
N ILE B 266 2.46 7.92 19.69
CA ILE B 266 2.08 8.94 20.67
C ILE B 266 3.14 9.10 21.76
N VAL B 267 3.58 7.99 22.31
CA VAL B 267 4.51 8.00 23.43
C VAL B 267 5.90 8.52 22.98
N ARG B 268 6.40 8.03 21.86
CA ARG B 268 7.68 8.51 21.34
C ARG B 268 7.58 9.94 20.85
N GLY B 269 6.43 10.32 20.29
CA GLY B 269 6.23 11.69 19.80
C GLY B 269 6.16 12.71 20.91
N GLU B 270 5.62 12.32 22.07
CA GLU B 270 5.59 13.21 23.23
C GLU B 270 6.99 13.53 23.71
N VAL B 271 7.85 12.52 23.75
CA VAL B 271 9.24 12.72 24.13
C VAL B 271 9.91 13.69 23.13
N GLY B 272 9.72 13.42 21.83
CA GLY B 272 10.32 14.23 20.79
C GLY B 272 9.84 15.67 20.75
N LEU B 273 8.52 15.86 20.79
CA LEU B 273 7.98 17.23 20.70
C LEU B 273 8.47 18.08 21.86
N GLU B 274 8.46 17.52 23.05
CA GLU B 274 8.93 18.25 24.22
C GLU B 274 10.42 18.53 24.21
N ALA B 275 11.19 17.72 23.47
CA ALA B 275 12.61 18.02 23.30
C ALA B 275 12.87 19.36 22.59
N LEU B 276 11.91 19.81 21.79
CA LEU B 276 12.10 21.03 20.99
C LEU B 276 12.01 22.30 21.82
N TRP B 277 11.61 22.17 23.09
CA TRP B 277 11.57 23.32 23.97
C TRP B 277 12.97 23.80 24.31
N ASP B 278 13.20 25.08 24.12
CA ASP B 278 14.46 25.69 24.52
C ASP B 278 14.26 26.49 25.80
N ARG B 279 14.92 26.06 26.88
CA ARG B 279 14.71 26.69 28.19
C ARG B 279 15.25 28.11 28.29
N GLU B 280 16.36 28.39 27.63
CA GLU B 280 16.90 29.77 27.58
C GLU B 280 15.97 30.76 26.92
N ALA B 281 15.36 30.36 25.80
CA ALA B 281 14.47 31.22 25.03
C ALA B 281 13.04 31.25 25.58
N GLY B 282 12.64 30.22 26.32
CA GLY B 282 11.27 30.02 26.73
C GLY B 282 10.35 29.87 25.53
N PHE B 283 10.72 28.98 24.61
CA PHE B 283 9.95 28.81 23.37
C PHE B 283 10.31 27.47 22.72
N TYR B 284 9.42 26.99 21.85
CA TYR B 284 9.70 25.78 21.05
C TYR B 284 10.31 26.18 19.70
N PHE B 285 11.41 25.52 19.35
CA PHE B 285 12.12 25.78 18.11
C PHE B 285 12.07 24.57 17.18
N SER B 286 11.98 24.83 15.89
CA SER B 286 12.29 23.80 14.90
C SER B 286 13.80 23.51 14.91
N TRP B 287 14.21 22.34 14.42
CA TRP B 287 15.60 21.92 14.43
C TRP B 287 16.11 21.69 13.01
N ASP B 288 17.34 22.16 12.76
CA ASP B 288 18.00 21.98 11.48
C ASP B 288 18.90 20.77 11.59
N LEU B 289 18.53 19.68 10.93
CA LEU B 289 19.29 18.44 11.06
C LEU B 289 20.53 18.38 10.17
N VAL B 290 20.61 19.25 9.17
CA VAL B 290 21.83 19.39 8.36
C VAL B 290 22.94 20.04 9.22
N ALA B 291 22.63 21.17 9.83
CA ALA B 291 23.55 21.82 10.77
C ALA B 291 23.66 21.09 12.10
N GLY B 292 22.62 20.34 12.47
CA GLY B 292 22.58 19.70 13.78
C GLY B 292 22.34 20.69 14.92
N GLU B 293 21.50 21.69 14.68
CA GLU B 293 21.28 22.75 15.64
C GLU B 293 19.81 23.16 15.69
N PRO B 294 19.34 23.57 16.88
CA PRO B 294 18.05 24.26 16.89
C PRO B 294 18.08 25.53 16.04
N ILE B 295 16.94 25.85 15.45
CA ILE B 295 16.77 27.11 14.71
C ILE B 295 16.18 28.11 15.68
N ALA B 296 16.97 29.08 16.11
CA ALA B 296 16.54 29.98 17.19
C ALA B 296 15.74 31.14 16.63
N VAL B 297 14.56 30.83 16.09
CA VAL B 297 13.65 31.81 15.54
C VAL B 297 12.27 31.51 16.09
N LYS B 298 11.67 32.47 16.78
CA LYS B 298 10.35 32.30 17.39
C LYS B 298 9.23 32.60 16.38
N THR B 299 8.55 31.57 15.91
CA THR B 299 7.41 31.72 15.00
C THR B 299 6.13 31.25 15.64
N SER B 300 4.99 31.55 15.01
CA SER B 300 3.72 31.14 15.56
C SER B 300 3.62 29.60 15.64
N ALA B 301 4.41 28.90 14.84
CA ALA B 301 4.42 27.43 14.89
C ALA B 301 4.85 26.91 16.25
N GLY B 302 5.70 27.67 16.93
CA GLY B 302 6.20 27.31 18.25
C GLY B 302 5.15 27.26 19.32
N PHE B 303 3.96 27.80 19.05
CA PHE B 303 2.83 27.66 19.96
C PHE B 303 2.03 26.37 19.76
N LEU B 304 2.22 25.72 18.61
CA LEU B 304 1.38 24.58 18.28
C LEU B 304 1.51 23.35 19.19
N PRO B 305 2.61 23.20 19.96
CA PRO B 305 2.55 22.09 20.93
C PRO B 305 1.41 22.20 21.95
N LEU B 306 0.84 23.39 22.14
CA LEU B 306 -0.37 23.52 22.94
C LEU B 306 -1.55 22.73 22.35
N PHE B 307 -1.67 22.77 21.02
CA PHE B 307 -2.68 22.05 20.27
C PHE B 307 -2.43 20.52 20.36
N ALA B 308 -1.17 20.14 20.44
CA ALA B 308 -0.80 18.72 20.66
C ALA B 308 -1.13 18.22 22.07
N GLY B 309 -1.05 19.11 23.06
CA GLY B 309 -1.33 18.73 24.45
C GLY B 309 -0.15 18.15 25.21
N THR B 310 1.06 18.44 24.74
CA THR B 310 2.29 17.88 25.35
C THR B 310 2.93 18.68 26.49
N PRO B 311 2.90 20.05 26.47
CA PRO B 311 3.60 20.68 27.59
C PRO B 311 2.89 20.52 28.93
N HIS B 312 3.65 20.70 30.00
CA HIS B 312 3.04 20.91 31.30
C HIS B 312 2.60 22.38 31.40
N GLN B 313 1.84 22.68 32.43
CA GLN B 313 1.18 23.97 32.57
C GLN B 313 2.15 25.13 32.71
N GLY B 314 3.28 24.90 33.36
CA GLY B 314 4.31 25.94 33.48
C GLY B 314 4.83 26.39 32.15
N ARG B 315 5.11 25.43 31.28
CA ARG B 315 5.56 25.70 29.95
C ARG B 315 4.48 26.43 29.15
N ALA B 316 3.23 26.00 29.29
CA ALA B 316 2.10 26.71 28.64
C ALA B 316 1.99 28.16 29.14
N SER B 317 2.26 28.36 30.43
CA SER B 317 2.19 29.71 31.00
C SER B 317 3.30 30.61 30.42
N LEU B 318 4.49 30.06 30.19
CA LEU B 318 5.57 30.81 29.54
C LEU B 318 5.20 31.17 28.09
N LEU B 319 4.51 30.26 27.40
CA LEU B 319 3.97 30.59 26.07
C LEU B 319 2.90 31.67 26.14
N ALA B 320 2.01 31.59 27.11
CA ALA B 320 0.97 32.63 27.30
C ALA B 320 1.64 33.99 27.51
N GLN B 321 2.68 34.03 28.32
CA GLN B 321 3.42 35.27 28.56
C GLN B 321 4.04 35.80 27.27
N GLU B 322 4.56 34.89 26.43
CA GLU B 322 5.16 35.29 25.16
C GLU B 322 4.14 35.87 24.18
N ALA B 323 2.98 35.23 24.09
CA ALA B 323 1.89 35.69 23.20
C ALA B 323 1.45 37.09 23.64
N GLU B 324 1.33 37.29 24.95
CA GLU B 324 0.96 38.62 25.46
C GLU B 324 2.01 39.67 25.14
N ARG B 325 3.28 39.30 25.18
CA ARG B 325 4.34 40.23 24.77
C ARG B 325 4.20 40.60 23.31
N TRP B 326 3.90 39.61 22.47
CA TRP B 326 3.71 39.87 21.05
C TRP B 326 2.57 40.88 20.86
N GLY B 327 1.54 40.78 21.70
CA GLY B 327 0.39 41.68 21.67
C GLY B 327 0.67 43.09 22.15
N GLU B 328 1.84 43.34 22.73
CA GLU B 328 2.23 44.68 23.13
C GLU B 328 2.64 45.52 21.92
N LYS B 329 3.01 44.85 20.82
CA LYS B 329 3.47 45.52 19.62
C LYS B 329 2.58 45.29 18.40
N ALA B 330 1.75 44.27 18.43
CA ALA B 330 0.80 44.01 17.33
C ALA B 330 -0.61 44.20 17.83
N ARG B 331 -1.40 44.98 17.10
CA ARG B 331 -2.83 45.16 17.40
C ARG B 331 -3.60 43.85 17.38
N TYR B 332 -3.33 42.98 16.39
CA TYR B 332 -4.05 41.72 16.27
C TYR B 332 -3.11 40.56 16.54
N LEU B 333 -3.56 39.64 17.37
CA LEU B 333 -2.85 38.37 17.53
C LEU B 333 -3.42 37.37 16.54
N LEU B 334 -2.67 36.34 16.15
CA LEU B 334 -1.30 36.08 16.52
C LEU B 334 -0.41 36.28 15.28
N PRO B 335 0.54 37.23 15.34
CA PRO B 335 1.43 37.32 14.18
C PRO B 335 2.23 36.04 13.98
N SER B 336 2.64 35.78 12.74
CA SER B 336 3.33 34.55 12.41
C SER B 336 4.80 34.53 12.85
N VAL B 337 5.35 35.71 13.13
CA VAL B 337 6.63 35.82 13.81
CA VAL B 337 6.65 35.83 13.78
C VAL B 337 6.57 36.94 14.83
N ASP B 338 7.44 36.80 15.83
CA ASP B 338 7.60 37.78 16.86
C ASP B 338 7.73 39.17 16.22
N PRO B 339 6.84 40.12 16.58
CA PRO B 339 6.88 41.44 15.92
C PRO B 339 8.16 42.24 16.18
N THR B 340 8.95 41.82 17.17
CA THR B 340 10.26 42.43 17.43
C THR B 340 11.40 41.72 16.70
N SER B 341 11.13 40.61 16.00
CA SER B 341 12.18 39.95 15.23
C SER B 341 12.71 40.88 14.12
N PRO B 342 14.01 40.79 13.82
CA PRO B 342 14.54 41.51 12.65
C PRO B 342 13.97 40.98 11.33
N PHE B 343 13.38 39.80 11.35
CA PHE B 343 12.78 39.21 10.16
C PHE B 343 11.29 39.58 9.98
N PHE B 344 10.72 40.33 10.92
CA PHE B 344 9.28 40.67 10.86
C PHE B 344 8.97 41.56 9.65
N GLU B 345 8.03 41.11 8.85
CA GLU B 345 7.50 41.85 7.70
C GLU B 345 5.97 41.71 7.77
N PRO B 346 5.24 42.78 8.18
CA PRO B 346 3.80 42.68 8.50
C PRO B 346 2.87 42.22 7.38
N GLY B 347 3.31 42.32 6.13
CA GLY B 347 2.52 41.86 5.00
C GLY B 347 3.00 40.62 4.27
N ARG B 348 4.18 40.10 4.59
CA ARG B 348 4.78 39.07 3.71
C ARG B 348 4.58 37.63 4.17
N TYR B 349 3.36 37.15 3.99
CA TYR B 349 3.03 35.71 3.97
C TYR B 349 3.23 35.12 5.38
N TRP B 350 4.30 34.35 5.62
CA TRP B 350 4.54 33.74 6.94
C TRP B 350 5.62 34.44 7.76
N ARG B 351 5.91 35.71 7.43
CA ARG B 351 6.97 36.46 8.10
C ARG B 351 6.43 37.59 8.98
N GLY B 352 5.21 37.43 9.47
CA GLY B 352 4.57 38.47 10.28
C GLY B 352 3.07 38.45 10.30
N PRO B 353 2.41 38.27 9.13
CA PRO B 353 0.94 38.29 9.13
C PRO B 353 0.23 37.26 10.02
N VAL B 354 -0.99 37.60 10.38
CA VAL B 354 -1.90 36.76 11.15
C VAL B 354 -2.62 35.79 10.22
N TRP B 355 -2.72 34.53 10.63
CA TRP B 355 -3.39 33.49 9.88
C TRP B 355 -4.56 32.90 10.68
N ILE B 356 -5.70 32.69 10.05
CA ILE B 356 -6.90 32.24 10.78
C ILE B 356 -6.72 30.80 11.29
N ASN B 357 -6.17 29.90 10.47
CA ASN B 357 -6.00 28.53 10.92
C ASN B 357 -5.07 28.39 12.14
N VAL B 358 -3.99 29.15 12.16
CA VAL B 358 -3.07 29.14 13.30
C VAL B 358 -3.70 29.83 14.51
N ASN B 359 -4.41 30.95 14.32
CA ASN B 359 -5.18 31.50 15.45
C ASN B 359 -6.11 30.44 16.07
N TRP B 360 -6.79 29.69 15.22
CA TRP B 360 -7.72 28.66 15.67
C TRP B 360 -7.01 27.54 16.46
N MET B 361 -5.97 26.95 15.88
CA MET B 361 -5.26 25.88 16.57
C MET B 361 -4.64 26.35 17.90
N VAL B 362 -4.05 27.54 17.92
CA VAL B 362 -3.38 28.05 19.10
C VAL B 362 -4.41 28.44 20.16
N ALA B 363 -5.54 29.02 19.74
CA ALA B 363 -6.62 29.34 20.69
C ALA B 363 -7.16 28.08 21.33
N GLU B 364 -7.41 27.06 20.51
CA GLU B 364 -7.83 25.75 21.02
C GLU B 364 -6.83 25.25 22.07
N GLY B 365 -5.55 25.32 21.75
CA GLY B 365 -4.51 24.92 22.70
C GLY B 365 -4.51 25.70 24.01
N PHE B 366 -4.56 27.01 23.91
CA PHE B 366 -4.59 27.83 25.13
C PHE B 366 -5.82 27.54 25.99
N ARG B 367 -6.98 27.40 25.36
CA ARG B 367 -8.21 27.01 26.06
C ARG B 367 -8.03 25.72 26.85
N ASP B 368 -7.42 24.74 26.21
CA ASP B 368 -7.18 23.44 26.83
C ASP B 368 -6.30 23.54 28.08
N TYR B 369 -5.43 24.55 28.12
CA TYR B 369 -4.53 24.77 29.24
C TYR B 369 -5.10 25.79 30.25
N GLY B 370 -6.36 26.19 30.07
CA GLY B 370 -7.06 27.08 31.03
C GLY B 370 -6.88 28.57 30.79
N PHE B 371 -6.23 28.94 29.69
CA PHE B 371 -5.97 30.33 29.34
C PHE B 371 -7.14 30.88 28.52
N ALA B 372 -8.28 30.99 29.20
CA ALA B 372 -9.55 31.33 28.56
C ALA B 372 -9.52 32.72 27.89
N ALA B 373 -8.94 33.71 28.58
CA ALA B 373 -8.96 35.06 28.07
C ALA B 373 -8.11 35.19 26.83
N LEU B 374 -6.93 34.57 26.84
CA LEU B 374 -6.05 34.62 25.69
C LEU B 374 -6.69 33.87 24.51
N ALA B 375 -7.33 32.73 24.78
CA ALA B 375 -8.03 31.98 23.72
C ALA B 375 -9.16 32.84 23.12
N ALA B 376 -9.89 33.52 24.01
CA ALA B 376 -10.96 34.40 23.55
C ALA B 376 -10.44 35.57 22.70
N ARG B 377 -9.27 36.09 23.05
CA ARG B 377 -8.63 37.19 22.31
C ARG B 377 -8.23 36.73 20.90
N LEU B 378 -7.65 35.55 20.80
CA LEU B 378 -7.31 35.02 19.48
C LEU B 378 -8.53 34.82 18.59
N LYS B 379 -9.62 34.33 19.17
CA LYS B 379 -10.89 34.18 18.44
C LYS B 379 -11.42 35.55 18.07
N ALA B 380 -11.50 36.47 19.03
CA ALA B 380 -12.04 37.81 18.73
C ALA B 380 -11.27 38.53 17.60
N ASP B 381 -9.94 38.46 17.64
CA ASP B 381 -9.13 39.07 16.59
C ASP B 381 -9.38 38.41 15.24
N ALA B 382 -9.42 37.07 15.20
CA ALA B 382 -9.71 36.38 13.94
C ALA B 382 -11.06 36.78 13.35
N LEU B 383 -12.09 36.85 14.18
CA LEU B 383 -13.44 37.16 13.70
C LEU B 383 -13.55 38.63 13.30
N ALA B 384 -12.87 39.50 14.04
CA ALA B 384 -12.88 40.95 13.74
C ALA B 384 -12.19 41.23 12.41
N LEU B 385 -11.06 40.55 12.18
CA LEU B 385 -10.36 40.67 10.89
C LEU B 385 -11.26 40.25 9.73
N MET B 386 -11.95 39.12 9.87
CA MET B 386 -12.79 38.60 8.79
C MET B 386 -14.04 39.47 8.60
N GLU B 387 -14.61 39.96 9.71
CA GLU B 387 -15.73 40.91 9.61
C GLU B 387 -15.35 42.17 8.84
N ARG B 388 -14.17 42.72 9.12
CA ARG B 388 -13.72 43.99 8.55
C ARG B 388 -13.17 43.87 7.13
N GLU B 389 -12.42 42.80 6.86
CA GLU B 389 -11.62 42.74 5.63
C GLU B 389 -12.02 41.54 4.73
N GLY B 390 -13.05 40.81 5.13
CA GLY B 390 -13.50 39.62 4.41
C GLY B 390 -12.59 38.44 4.64
N PHE B 391 -12.73 37.44 3.77
CA PHE B 391 -12.03 36.17 3.91
C PHE B 391 -10.77 36.19 3.07
N ARG B 392 -9.68 36.56 3.72
CA ARG B 392 -8.38 36.68 3.11
C ARG B 392 -7.43 35.63 3.65
N GLU B 393 -6.32 35.46 2.95
CA GLU B 393 -5.38 34.42 3.31
C GLU B 393 -4.63 34.77 4.61
N TYR B 394 -4.25 36.03 4.77
CA TYR B 394 -3.58 36.45 6.00
C TYR B 394 -3.83 37.92 6.17
N TYR B 395 -3.44 38.46 7.33
CA TYR B 395 -3.79 39.85 7.69
C TYR B 395 -2.61 40.54 8.35
N ASP B 396 -2.39 41.81 8.00
CA ASP B 396 -1.37 42.62 8.63
C ASP B 396 -1.72 42.78 10.12
N PRO B 397 -0.78 42.43 11.04
CA PRO B 397 -1.14 42.45 12.47
C PRO B 397 -1.14 43.86 13.08
N LEU B 398 -0.63 44.82 12.31
CA LEU B 398 -0.52 46.20 12.77
C LEU B 398 -1.73 47.03 12.34
N THR B 399 -2.17 46.84 11.10
CA THR B 399 -3.31 47.57 10.52
C THR B 399 -4.60 46.75 10.38
N GLY B 400 -4.50 45.43 10.37
CA GLY B 400 -5.64 44.56 10.13
C GLY B 400 -5.93 44.32 8.67
N GLN B 401 -5.13 44.92 7.78
CA GLN B 401 -5.41 44.85 6.34
C GLN B 401 -5.34 43.42 5.82
N GLY B 402 -6.33 43.00 5.05
CA GLY B 402 -6.29 41.70 4.38
C GLY B 402 -5.19 41.66 3.34
N ARG B 403 -4.55 40.49 3.23
CA ARG B 403 -3.43 40.29 2.33
C ARG B 403 -3.53 38.91 1.69
N GLY B 404 -2.71 38.67 0.68
CA GLY B 404 -2.71 37.37 -0.02
C GLY B 404 -3.98 37.06 -0.78
N GLY B 405 -4.33 35.79 -0.83
CA GLY B 405 -5.49 35.34 -1.59
C GLY B 405 -6.78 36.01 -1.18
N GLU B 406 -7.62 36.27 -2.19
CA GLU B 406 -8.99 36.73 -1.98
C GLU B 406 -9.93 35.54 -1.92
N GLY B 407 -11.01 35.68 -1.18
CA GLY B 407 -11.99 34.61 -1.05
C GLY B 407 -11.32 33.31 -0.61
N PHE B 408 -10.52 33.41 0.45
CA PHE B 408 -9.65 32.31 0.86
C PHE B 408 -10.43 31.28 1.70
N SER B 409 -10.40 30.04 1.26
CA SER B 409 -11.34 29.04 1.73
C SER B 409 -11.22 28.69 3.21
N TRP B 410 -10.02 28.48 3.75
CA TRP B 410 -9.98 28.06 5.16
C TRP B 410 -10.37 29.18 6.13
N SER B 411 -10.20 30.43 5.71
CA SER B 411 -10.66 31.55 6.52
C SER B 411 -12.18 31.49 6.64
N ALA B 412 -12.86 31.32 5.50
CA ALA B 412 -14.31 31.12 5.51
C ALA B 412 -14.74 29.89 6.28
N ALA B 413 -14.08 28.76 6.01
CA ALA B 413 -14.42 27.53 6.68
C ALA B 413 -14.28 27.64 8.21
N LEU B 414 -13.22 28.26 8.68
CA LEU B 414 -13.00 28.36 10.12
C LEU B 414 -13.87 29.45 10.74
N ALA B 415 -14.27 30.45 9.96
CA ALA B 415 -15.29 31.38 10.45
C ALA B 415 -16.55 30.60 10.79
N LEU B 416 -16.99 29.74 9.88
CA LEU B 416 -18.14 28.88 10.09
C LEU B 416 -17.93 27.94 11.27
N PHE B 417 -16.78 27.26 11.31
CA PHE B 417 -16.55 26.28 12.37
C PHE B 417 -16.47 26.91 13.76
N TRP B 418 -15.76 28.03 13.87
CA TRP B 418 -15.49 28.63 15.18
C TRP B 418 -16.75 29.24 15.78
N THR B 419 -17.72 29.57 14.94
CA THR B 419 -18.98 30.18 15.37
C THR B 419 -20.14 29.19 15.40
N ARG B 420 -19.84 27.89 15.29
CA ARG B 420 -20.86 26.86 15.30
C ARG B 420 -21.64 26.80 16.63
#